data_3E3M
#
_entry.id   3E3M
#
_cell.length_a   60.400
_cell.length_b   60.443
_cell.length_c   90.766
_cell.angle_alpha   82.910
_cell.angle_beta   76.960
_cell.angle_gamma   87.220
#
_symmetry.space_group_name_H-M   'P 1'
#
loop_
_entity.id
_entity.type
_entity.pdbx_description
1 polymer 'Transcriptional regulator, LacI family'
2 water water
#
_entity_poly.entity_id   1
_entity_poly.type   'polypeptide(L)'
_entity_poly.pdbx_seq_one_letter_code
;MSLDSRKPGHRPVTMRDVAKAAGVSRMTVSRALKKDSPISSETRERILKVVKDMNYVPDQVAGSLTTKRSGFVGLLLPSL
NNLHFAQTAQSLTDVLEQGGLQLLLGYTAYSPEREEQLVETMLRRRPEAMVLSYDGHTEQTIRLLQRASIPIVEIWEKPA
HPIGHTVGFSNERAAYDMTNALLARGFRKIVFLGEKDDDWTRGAARRAGFKRAMREAGLNPDQEIRLGAPPLSIEDGVAA
AELILQEYPDTDCIFCVSDMPAFGLLSRLKSIGVAVPEQVSVVGFGNFEVSRFASPEISTVRVDPIAIGRETGSLILRLL
DPKQRSPQTAQHITLPPVLEFRPSLKNEGHHHHHH
;
_entity_poly.pdbx_strand_id   A,B,C,D
#
# COMPACT_ATOMS: atom_id res chain seq x y z
N GLY A 71 19.23 -26.42 16.51
CA GLY A 71 17.78 -26.60 16.18
C GLY A 71 16.94 -25.42 16.62
N PHE A 72 15.64 -25.47 16.33
CA PHE A 72 14.76 -24.39 16.77
C PHE A 72 13.52 -24.91 17.43
N VAL A 73 12.95 -24.03 18.24
CA VAL A 73 11.61 -24.23 18.77
C VAL A 73 10.68 -23.25 18.07
N GLY A 74 9.49 -23.72 17.72
CA GLY A 74 8.47 -22.83 17.13
C GLY A 74 7.52 -22.29 18.21
N LEU A 75 7.20 -21.01 18.14
CA LEU A 75 6.21 -20.42 19.04
C LEU A 75 5.14 -19.76 18.18
N LEU A 76 3.88 -20.16 18.36
CA LEU A 76 2.77 -19.51 17.65
C LEU A 76 2.10 -18.56 18.60
N LEU A 77 1.89 -17.33 18.14
CA LEU A 77 1.23 -16.31 18.95
C LEU A 77 0.20 -15.56 18.14
N PRO A 78 -0.88 -15.12 18.80
CA PRO A 78 -1.99 -14.43 18.13
C PRO A 78 -1.80 -12.91 17.99
N SER A 79 -0.82 -12.35 18.68
CA SER A 79 -0.61 -10.91 18.69
C SER A 79 0.88 -10.53 18.63
N LEU A 80 1.21 -9.47 17.90
CA LEU A 80 2.54 -8.85 17.95
C LEU A 80 2.50 -7.51 18.70
N ASN A 81 1.43 -7.31 19.48
CA ASN A 81 1.21 -6.06 20.21
C ASN A 81 0.71 -6.41 21.60
N ASN A 82 1.49 -7.21 22.30
CA ASN A 82 1.03 -7.76 23.56
C ASN A 82 2.23 -7.97 24.48
N LEU A 83 2.24 -7.24 25.59
CA LEU A 83 3.32 -7.31 26.58
C LEU A 83 3.57 -8.74 27.09
N HIS A 84 2.51 -9.50 27.33
CA HIS A 84 2.63 -10.86 27.85
C HIS A 84 3.39 -11.72 26.90
N PHE A 85 3.03 -11.63 25.61
CA PHE A 85 3.65 -12.51 24.60
C PHE A 85 5.08 -12.07 24.35
N ALA A 86 5.32 -10.76 24.40
CA ALA A 86 6.66 -10.23 24.23
C ALA A 86 7.56 -10.74 25.35
N GLN A 87 7.11 -10.60 26.58
CA GLN A 87 7.89 -11.07 27.73
C GLN A 87 8.06 -12.58 27.73
N THR A 88 7.01 -13.32 27.32
CA THR A 88 7.12 -14.78 27.19
C THR A 88 8.23 -15.12 26.22
N ALA A 89 8.16 -14.51 25.05
CA ALA A 89 9.15 -14.80 24.01
C ALA A 89 10.56 -14.43 24.44
N GLN A 90 10.69 -13.35 25.20
CA GLN A 90 12.01 -12.89 25.66
C GLN A 90 12.62 -13.89 26.64
N SER A 91 11.84 -14.33 27.64
CA SER A 91 12.37 -15.29 28.60
C SER A 91 12.56 -16.67 27.99
N LEU A 92 11.64 -17.06 27.11
CA LEU A 92 11.74 -18.33 26.40
C LEU A 92 13.02 -18.33 25.54
N THR A 93 13.26 -17.24 24.82
CA THR A 93 14.49 -17.05 24.06
C THR A 93 15.74 -17.23 24.93
N ASP A 94 15.78 -16.55 26.08
CA ASP A 94 16.96 -16.61 26.96
C ASP A 94 17.27 -18.04 27.41
N VAL A 95 16.24 -18.77 27.83
CA VAL A 95 16.43 -20.13 28.33
C VAL A 95 16.85 -21.08 27.22
N LEU A 96 16.20 -20.97 26.06
CA LEU A 96 16.52 -21.81 24.92
C LEU A 96 17.92 -21.54 24.41
N GLU A 97 18.32 -20.26 24.38
CA GLU A 97 19.64 -19.91 23.80
C GLU A 97 20.76 -20.48 24.67
N GLN A 98 20.57 -20.45 25.98
CA GLN A 98 21.52 -21.06 26.91
C GLN A 98 21.64 -22.57 26.66
N GLY A 99 20.59 -23.17 26.10
CA GLY A 99 20.60 -24.59 25.76
C GLY A 99 20.94 -24.90 24.31
N GLY A 100 21.30 -23.88 23.54
CA GLY A 100 21.73 -24.06 22.15
C GLY A 100 20.64 -24.01 21.08
N LEU A 101 19.42 -23.67 21.50
CA LEU A 101 18.29 -23.62 20.57
C LEU A 101 17.84 -22.19 20.31
N GLN A 102 17.29 -21.97 19.13
CA GLN A 102 16.76 -20.69 18.76
C GLN A 102 15.24 -20.76 18.75
N LEU A 103 14.61 -19.58 18.76
CA LEU A 103 13.19 -19.46 18.72
C LEU A 103 12.80 -18.88 17.36
N LEU A 104 11.82 -19.49 16.72
CA LEU A 104 11.20 -18.87 15.53
C LEU A 104 9.70 -18.77 15.74
N LEU A 105 9.08 -17.74 15.16
CA LEU A 105 7.68 -17.43 15.48
C LEU A 105 6.76 -17.49 14.30
N GLY A 106 5.52 -17.89 14.58
CA GLY A 106 4.45 -17.73 13.59
C GLY A 106 3.37 -16.87 14.17
N TYR A 107 2.86 -15.94 13.36
CA TYR A 107 1.86 -14.99 13.82
C TYR A 107 0.49 -15.40 13.28
N THR A 108 -0.43 -15.76 14.19
CA THR A 108 -1.74 -16.30 13.80
C THR A 108 -2.82 -15.23 13.63
N ALA A 109 -2.64 -14.07 14.26
CA ALA A 109 -3.67 -13.02 14.27
C ALA A 109 -5.05 -13.53 14.74
N TYR A 110 -5.03 -14.35 15.81
CA TYR A 110 -6.22 -14.99 16.44
C TYR A 110 -7.06 -15.94 15.54
N SER A 111 -6.54 -16.25 14.36
CA SER A 111 -7.22 -17.12 13.40
C SER A 111 -6.81 -18.61 13.53
N PRO A 112 -7.78 -19.47 13.89
CA PRO A 112 -7.51 -20.93 13.98
C PRO A 112 -7.07 -21.52 12.63
N GLU A 113 -7.57 -20.95 11.53
CA GLU A 113 -7.17 -21.38 10.19
C GLU A 113 -5.72 -21.04 9.87
N ARG A 114 -5.29 -19.82 10.21
CA ARG A 114 -3.89 -19.47 10.03
C ARG A 114 -3.00 -20.28 10.96
N GLU A 115 -3.48 -20.53 12.18
CA GLU A 115 -2.73 -21.40 13.10
C GLU A 115 -2.48 -22.76 12.46
N GLU A 116 -3.52 -23.32 11.84
CA GLU A 116 -3.39 -24.63 11.21
C GLU A 116 -2.37 -24.61 10.07
N GLN A 117 -2.42 -23.57 9.23
CA GLN A 117 -1.49 -23.45 8.11
C GLN A 117 -0.03 -23.32 8.56
N LEU A 118 0.18 -22.57 9.63
CA LEU A 118 1.50 -22.40 10.23
C LEU A 118 2.02 -23.67 10.92
N VAL A 119 1.12 -24.40 11.58
CA VAL A 119 1.49 -25.66 12.22
C VAL A 119 1.96 -26.62 11.11
N GLU A 120 1.24 -26.66 10.01
CA GLU A 120 1.53 -27.64 8.95
C GLU A 120 2.89 -27.39 8.32
N THR A 121 3.23 -26.13 8.06
CA THR A 121 4.53 -25.83 7.46
C THR A 121 5.65 -25.87 8.49
N MET A 122 5.40 -25.35 9.68
CA MET A 122 6.43 -25.36 10.70
C MET A 122 6.84 -26.77 11.12
N LEU A 123 5.88 -27.68 11.21
CA LEU A 123 6.21 -29.05 11.60
C LEU A 123 7.13 -29.69 10.57
N ARG A 124 6.97 -29.31 9.32
CA ARG A 124 7.76 -29.92 8.25
C ARG A 124 9.21 -29.44 8.25
N ARG A 125 9.47 -28.32 8.93
CA ARG A 125 10.82 -27.77 9.12
C ARG A 125 11.54 -28.45 10.31
N ARG A 126 10.80 -29.33 11.00
CA ARG A 126 11.32 -30.15 12.11
C ARG A 126 11.83 -29.37 13.31
N PRO A 127 10.93 -28.61 13.99
CA PRO A 127 11.32 -27.96 15.23
C PRO A 127 11.60 -29.05 16.27
N GLU A 128 12.37 -28.69 17.30
CA GLU A 128 12.62 -29.59 18.40
C GLU A 128 11.39 -29.70 19.32
N ALA A 129 10.56 -28.66 19.30
CA ALA A 129 9.34 -28.60 20.11
C ALA A 129 8.45 -27.53 19.51
N MET A 130 7.14 -27.59 19.78
CA MET A 130 6.21 -26.56 19.33
C MET A 130 5.47 -25.99 20.53
N VAL A 131 5.41 -24.67 20.59
CA VAL A 131 4.73 -23.99 21.69
C VAL A 131 3.60 -23.22 21.07
N LEU A 132 2.39 -23.40 21.59
CA LEU A 132 1.24 -22.74 21.01
C LEU A 132 0.55 -21.91 22.10
N SER A 133 0.40 -20.62 21.85
CA SER A 133 -0.41 -19.77 22.70
C SER A 133 -1.85 -20.22 22.48
N TYR A 134 -2.53 -20.65 23.55
CA TYR A 134 -3.80 -21.33 23.39
C TYR A 134 -5.01 -20.41 23.25
N ASP A 135 -5.71 -20.51 22.12
CA ASP A 135 -7.02 -19.92 21.99
C ASP A 135 -7.95 -20.85 21.20
N GLY A 136 -7.75 -22.16 21.35
CA GLY A 136 -8.51 -23.16 20.59
C GLY A 136 -7.86 -23.51 19.25
N HIS A 137 -8.16 -24.71 18.74
CA HIS A 137 -7.54 -25.20 17.50
C HIS A 137 -8.62 -25.79 16.60
N THR A 138 -8.31 -25.89 15.31
CA THR A 138 -9.15 -26.69 14.41
C THR A 138 -8.90 -28.17 14.69
N GLU A 139 -9.79 -29.04 14.22
CA GLU A 139 -9.56 -30.48 14.39
C GLU A 139 -8.28 -30.94 13.69
N GLN A 140 -8.01 -30.37 12.51
CA GLN A 140 -6.79 -30.70 11.75
C GLN A 140 -5.52 -30.34 12.51
N THR A 141 -5.49 -29.14 13.11
CA THR A 141 -4.35 -28.75 13.95
C THR A 141 -4.12 -29.77 15.08
N ILE A 142 -5.20 -30.16 15.74
CA ILE A 142 -5.09 -31.12 16.84
C ILE A 142 -4.44 -32.42 16.32
N ARG A 143 -4.92 -32.89 15.18
CA ARG A 143 -4.40 -34.14 14.57
C ARG A 143 -2.91 -34.03 14.22
N LEU A 144 -2.54 -32.93 13.58
CA LEU A 144 -1.14 -32.68 13.25
C LEU A 144 -0.26 -32.69 14.50
N LEU A 145 -0.72 -32.04 15.57
CA LEU A 145 0.06 -31.97 16.80
C LEU A 145 0.08 -33.30 17.53
N GLN A 146 -1.04 -34.03 17.47
CA GLN A 146 -1.15 -35.35 18.12
C GLN A 146 -0.19 -36.33 17.47
N ARG A 147 -0.03 -36.23 16.16
CA ARG A 147 0.78 -37.20 15.40
C ARG A 147 2.27 -36.83 15.39
N ALA A 148 2.59 -35.63 15.87
CA ALA A 148 3.97 -35.22 15.98
C ALA A 148 4.62 -36.04 17.09
N SER A 149 5.90 -36.32 16.94
CA SER A 149 6.63 -36.98 18.01
C SER A 149 7.66 -36.02 18.59
N ILE A 150 7.21 -34.79 18.81
CA ILE A 150 7.99 -33.77 19.51
C ILE A 150 7.16 -33.19 20.64
N PRO A 151 7.82 -32.62 21.67
CA PRO A 151 7.08 -31.99 22.77
C PRO A 151 6.18 -30.90 22.22
N ILE A 152 4.91 -30.96 22.63
CA ILE A 152 3.93 -29.92 22.32
C ILE A 152 3.57 -29.25 23.64
N VAL A 153 3.66 -27.92 23.67
CA VAL A 153 3.34 -27.13 24.87
C VAL A 153 2.31 -26.07 24.52
N GLU A 154 1.15 -26.10 25.21
CA GLU A 154 0.11 -25.08 25.05
C GLU A 154 0.25 -24.15 26.23
N ILE A 155 0.29 -22.84 25.97
CA ILE A 155 0.59 -21.89 27.04
C ILE A 155 -0.50 -20.82 27.19
N TRP A 156 -0.51 -20.20 28.37
CA TRP A 156 -1.37 -19.05 28.71
C TRP A 156 -2.81 -19.41 29.04
N GLU A 157 -3.11 -20.71 29.01
CA GLU A 157 -4.41 -21.24 29.37
C GLU A 157 -4.24 -22.71 29.68
N LYS A 158 -5.12 -23.26 30.52
CA LYS A 158 -5.18 -24.69 30.72
C LYS A 158 -6.35 -25.24 29.91
N PRO A 159 -6.08 -25.83 28.74
CA PRO A 159 -7.16 -26.33 27.90
C PRO A 159 -7.91 -27.48 28.59
N ALA A 160 -9.19 -27.66 28.24
CA ALA A 160 -9.95 -28.81 28.73
C ALA A 160 -9.29 -30.12 28.33
N HIS A 161 -8.70 -30.14 27.14
CA HIS A 161 -8.09 -31.35 26.61
C HIS A 161 -6.72 -31.05 26.02
N PRO A 162 -5.70 -30.95 26.88
CA PRO A 162 -4.39 -30.56 26.39
C PRO A 162 -3.81 -31.65 25.51
N ILE A 163 -3.12 -31.26 24.45
CA ILE A 163 -2.49 -32.20 23.52
C ILE A 163 -1.28 -32.88 24.19
N GLY A 164 -0.52 -32.07 24.91
CA GLY A 164 0.70 -32.52 25.57
C GLY A 164 0.85 -31.80 26.90
N HIS A 165 1.88 -30.96 26.95
CA HIS A 165 2.22 -30.24 28.17
C HIS A 165 1.52 -28.91 28.20
N THR A 166 1.41 -28.32 29.38
CA THR A 166 0.86 -26.98 29.46
C THR A 166 1.67 -26.11 30.40
N VAL A 167 1.68 -24.82 30.13
CA VAL A 167 2.27 -23.88 31.07
C VAL A 167 1.35 -22.67 31.10
N GLY A 168 0.74 -22.40 32.23
CA GLY A 168 -0.20 -21.29 32.31
C GLY A 168 -1.07 -21.37 33.53
N PHE A 169 -2.34 -21.05 33.36
CA PHE A 169 -3.31 -21.04 34.46
C PHE A 169 -4.70 -21.11 33.86
N SER A 170 -5.70 -21.43 34.69
CA SER A 170 -7.10 -21.49 34.22
C SER A 170 -7.65 -20.07 34.09
N ASN A 171 -8.02 -19.69 32.87
CA ASN A 171 -8.61 -18.38 32.68
C ASN A 171 -10.00 -18.31 33.27
N GLU A 172 -10.73 -19.42 33.20
CA GLU A 172 -12.06 -19.50 33.82
C GLU A 172 -11.93 -19.26 35.33
N ARG A 173 -11.01 -19.98 35.98
CA ARG A 173 -10.86 -19.84 37.42
C ARG A 173 -10.44 -18.44 37.78
N ALA A 174 -9.55 -17.85 36.97
CA ALA A 174 -9.07 -16.48 37.26
C ALA A 174 -10.22 -15.46 37.25
N ALA A 175 -11.09 -15.54 36.24
CA ALA A 175 -12.20 -14.60 36.16
C ALA A 175 -13.26 -14.87 37.24
N TYR A 176 -13.46 -16.16 37.52
CA TYR A 176 -14.35 -16.56 38.64
C TYR A 176 -13.83 -15.98 39.94
N ASP A 177 -12.52 -16.13 40.19
CA ASP A 177 -11.90 -15.58 41.39
C ASP A 177 -12.04 -14.06 41.49
N MET A 178 -11.77 -13.34 40.38
CA MET A 178 -11.90 -11.88 40.44
C MET A 178 -13.35 -11.48 40.68
N THR A 179 -14.28 -12.12 39.97
CA THR A 179 -15.70 -11.80 40.15
C THR A 179 -16.12 -12.05 41.60
N ASN A 180 -15.65 -13.14 42.20
CA ASN A 180 -15.98 -13.42 43.60
C ASN A 180 -15.41 -12.36 44.54
N ALA A 181 -14.19 -11.94 44.27
CA ALA A 181 -13.58 -10.84 45.02
C ALA A 181 -14.39 -9.56 44.94
N LEU A 182 -14.89 -9.24 43.75
CA LEU A 182 -15.79 -8.08 43.60
C LEU A 182 -17.10 -8.23 44.42
N LEU A 183 -17.70 -9.40 44.35
CA LEU A 183 -18.92 -9.67 45.10
C LEU A 183 -18.66 -9.53 46.60
N ALA A 184 -17.51 -10.02 47.05
CA ALA A 184 -17.13 -9.96 48.47
C ALA A 184 -16.96 -8.51 48.95
N ARG A 185 -16.67 -7.62 48.00
CA ARG A 185 -16.47 -6.19 48.27
C ARG A 185 -17.76 -5.39 48.17
N GLY A 186 -18.86 -6.09 47.87
CA GLY A 186 -20.19 -5.50 47.92
C GLY A 186 -20.73 -5.00 46.61
N PHE A 187 -20.01 -5.20 45.51
CA PHE A 187 -20.51 -4.82 44.19
C PHE A 187 -21.59 -5.81 43.79
N ARG A 188 -22.72 -5.32 43.31
CA ARG A 188 -23.77 -6.27 42.90
C ARG A 188 -24.02 -6.25 41.40
N LYS A 189 -24.12 -5.04 40.82
CA LYS A 189 -24.47 -4.87 39.42
C LYS A 189 -23.18 -4.83 38.58
N ILE A 190 -22.50 -5.97 38.57
CA ILE A 190 -21.28 -6.14 37.78
C ILE A 190 -21.65 -6.54 36.36
N VAL A 191 -21.01 -5.89 35.38
CA VAL A 191 -21.22 -6.17 33.96
C VAL A 191 -19.90 -6.63 33.36
N PHE A 192 -19.92 -7.77 32.69
CA PHE A 192 -18.74 -8.27 31.98
C PHE A 192 -18.68 -7.69 30.56
N LEU A 193 -17.52 -7.17 30.18
CA LEU A 193 -17.34 -6.63 28.83
C LEU A 193 -16.38 -7.56 28.09
N GLY A 194 -16.89 -8.14 27.01
CA GLY A 194 -16.14 -9.18 26.27
C GLY A 194 -16.36 -9.12 24.78
N GLU A 195 -15.95 -10.20 24.11
CA GLU A 195 -15.85 -10.19 22.65
C GLU A 195 -16.97 -10.99 22.00
N LYS A 196 -17.37 -10.59 20.77
CA LYS A 196 -18.14 -11.49 19.93
C LYS A 196 -17.19 -12.43 19.21
N ASP A 197 -17.75 -13.49 18.65
CA ASP A 197 -17.01 -14.41 17.79
C ASP A 197 -15.73 -14.90 18.46
N ASP A 198 -15.87 -15.30 19.71
CA ASP A 198 -14.73 -15.71 20.54
C ASP A 198 -14.81 -17.17 21.03
N ASP A 199 -15.58 -18.02 20.34
CA ASP A 199 -15.70 -19.42 20.76
C ASP A 199 -14.33 -20.02 20.95
N TRP A 200 -14.13 -20.71 22.08
CA TRP A 200 -12.94 -21.55 22.35
C TRP A 200 -11.70 -20.76 22.73
N THR A 201 -11.84 -19.44 22.82
CA THR A 201 -10.71 -18.56 23.13
C THR A 201 -10.63 -18.29 24.64
N ARG A 202 -9.51 -17.72 25.07
CA ARG A 202 -9.32 -17.37 26.48
C ARG A 202 -10.38 -16.39 26.98
N GLY A 203 -10.80 -15.48 26.09
CA GLY A 203 -11.84 -14.52 26.45
C GLY A 203 -13.16 -15.20 26.81
N ALA A 204 -13.53 -16.22 26.02
CA ALA A 204 -14.75 -17.01 26.31
C ALA A 204 -14.66 -17.68 27.68
N ALA A 205 -13.47 -18.12 28.04
CA ALA A 205 -13.25 -18.79 29.35
C ALA A 205 -13.45 -17.77 30.47
N ARG A 206 -12.97 -16.55 30.24
CA ARG A 206 -13.14 -15.51 31.25
C ARG A 206 -14.61 -15.19 31.46
N ARG A 207 -15.35 -15.04 30.35
CA ARG A 207 -16.81 -14.84 30.46
C ARG A 207 -17.43 -15.97 31.28
N ALA A 208 -17.04 -17.20 30.99
CA ALA A 208 -17.62 -18.36 31.69
C ALA A 208 -17.34 -18.30 33.18
N GLY A 209 -16.15 -17.85 33.57
CA GLY A 209 -15.81 -17.74 35.00
C GLY A 209 -16.66 -16.69 35.69
N PHE A 210 -16.84 -15.54 35.03
CA PHE A 210 -17.70 -14.46 35.52
C PHE A 210 -19.11 -15.01 35.72
N LYS A 211 -19.62 -15.71 34.71
CA LYS A 211 -20.99 -16.23 34.77
C LYS A 211 -21.17 -17.23 35.91
N ARG A 212 -20.19 -18.10 36.12
CA ARG A 212 -20.26 -19.11 37.18
C ARG A 212 -20.31 -18.40 38.54
N ALA A 213 -19.47 -17.39 38.72
CA ALA A 213 -19.47 -16.63 39.98
C ALA A 213 -20.85 -16.00 40.23
N MET A 214 -21.42 -15.40 39.19
CA MET A 214 -22.72 -14.73 39.32
C MET A 214 -23.81 -15.75 39.61
N ARG A 215 -23.77 -16.87 38.87
CA ARG A 215 -24.74 -17.98 39.03
C ARG A 215 -24.69 -18.53 40.45
N GLU A 216 -23.48 -18.79 40.96
CA GLU A 216 -23.33 -19.36 42.30
C GLU A 216 -23.80 -18.40 43.39
N ALA A 217 -23.70 -17.10 43.13
CA ALA A 217 -24.11 -16.05 44.07
C ALA A 217 -25.61 -15.80 44.06
N GLY A 218 -26.32 -16.47 43.16
CA GLY A 218 -27.77 -16.25 42.99
C GLY A 218 -28.11 -14.98 42.24
N LEU A 219 -27.14 -14.47 41.48
CA LEU A 219 -27.31 -13.25 40.71
C LEU A 219 -27.50 -13.55 39.23
N ASN A 220 -27.82 -12.53 38.44
CA ASN A 220 -28.05 -12.69 37.01
C ASN A 220 -26.72 -12.80 36.24
N PRO A 221 -26.43 -13.98 35.64
CA PRO A 221 -25.19 -14.10 34.87
C PRO A 221 -25.26 -13.46 33.49
N ASP A 222 -26.47 -13.13 33.05
CA ASP A 222 -26.68 -12.51 31.75
C ASP A 222 -26.57 -10.99 31.92
N GLN A 223 -25.40 -10.55 32.38
CA GLN A 223 -25.11 -9.13 32.59
C GLN A 223 -23.78 -8.88 31.92
N GLU A 224 -23.84 -8.61 30.63
CA GLU A 224 -22.65 -8.59 29.81
C GLU A 224 -22.92 -7.86 28.52
N ILE A 225 -21.85 -7.38 27.93
CA ILE A 225 -21.87 -6.72 26.62
C ILE A 225 -20.79 -7.39 25.80
N ARG A 226 -21.11 -7.67 24.54
CA ARG A 226 -20.16 -8.25 23.61
CA ARG A 226 -20.16 -8.26 23.61
C ARG A 226 -20.02 -7.34 22.42
N LEU A 227 -18.78 -7.05 22.03
CA LEU A 227 -18.58 -6.35 20.79
C LEU A 227 -17.24 -6.74 20.20
N GLY A 228 -16.95 -6.24 19.01
CA GLY A 228 -15.66 -6.49 18.38
C GLY A 228 -15.36 -7.97 18.20
N ALA A 229 -14.07 -8.28 18.31
CA ALA A 229 -13.58 -9.65 18.11
C ALA A 229 -12.32 -9.80 18.93
N PRO A 230 -11.89 -11.06 19.18
CA PRO A 230 -10.60 -11.16 19.85
C PRO A 230 -9.47 -10.51 19.04
N PRO A 231 -8.61 -9.71 19.70
CA PRO A 231 -8.68 -9.28 21.09
C PRO A 231 -9.41 -7.92 21.21
N LEU A 232 -10.27 -7.79 22.22
CA LEU A 232 -10.96 -6.52 22.40
C LEU A 232 -9.92 -5.40 22.57
N SER A 233 -10.12 -4.29 21.87
CA SER A 233 -9.18 -3.19 21.86
C SER A 233 -9.54 -2.03 22.80
N ILE A 234 -8.60 -1.10 22.93
CA ILE A 234 -8.85 0.16 23.63
C ILE A 234 -10.03 0.89 22.99
N GLU A 235 -9.98 1.01 21.65
CA GLU A 235 -11.07 1.67 20.92
C GLU A 235 -12.40 0.96 21.17
N ASP A 236 -12.39 -0.37 21.28
CA ASP A 236 -13.63 -1.12 21.61
C ASP A 236 -14.18 -0.74 22.99
N GLY A 237 -13.28 -0.54 23.96
CA GLY A 237 -13.67 -0.09 25.29
C GLY A 237 -14.36 1.25 25.25
N VAL A 238 -13.83 2.16 24.44
CA VAL A 238 -14.47 3.48 24.25
C VAL A 238 -15.90 3.31 23.75
N ALA A 239 -16.08 2.47 22.72
CA ALA A 239 -17.40 2.24 22.13
C ALA A 239 -18.35 1.52 23.09
N ALA A 240 -17.78 0.77 24.03
CA ALA A 240 -18.58 0.03 24.99
C ALA A 240 -19.25 0.91 26.04
N ALA A 241 -18.67 2.07 26.33
CA ALA A 241 -19.16 2.87 27.46
C ALA A 241 -20.66 3.16 27.34
N GLU A 242 -21.07 3.64 26.17
CA GLU A 242 -22.46 3.97 25.92
C GLU A 242 -23.36 2.73 25.79
N LEU A 243 -22.85 1.63 25.25
CA LEU A 243 -23.63 0.40 25.18
C LEU A 243 -23.93 -0.08 26.59
N ILE A 244 -22.92 -0.07 27.46
CA ILE A 244 -23.11 -0.59 28.79
C ILE A 244 -24.09 0.29 29.56
N LEU A 245 -23.91 1.60 29.49
CA LEU A 245 -24.77 2.47 30.30
C LEU A 245 -26.20 2.54 29.77
N GLN A 246 -26.37 2.25 28.48
CA GLN A 246 -27.70 2.16 27.86
C GLN A 246 -28.43 0.88 28.28
N GLU A 247 -27.75 -0.27 28.20
CA GLU A 247 -28.39 -1.52 28.58
C GLU A 247 -28.49 -1.68 30.08
N TYR A 248 -27.42 -1.30 30.79
CA TYR A 248 -27.32 -1.49 32.25
C TYR A 248 -27.04 -0.17 32.98
N PRO A 249 -28.02 0.75 33.01
CA PRO A 249 -27.78 2.09 33.55
C PRO A 249 -27.41 2.14 35.03
N ASP A 250 -27.65 1.05 35.75
CA ASP A 250 -27.37 1.00 37.18
C ASP A 250 -26.07 0.27 37.53
N THR A 251 -25.27 -0.05 36.52
CA THR A 251 -24.02 -0.79 36.76
C THR A 251 -23.15 -0.07 37.79
N ASP A 252 -22.53 -0.83 38.70
CA ASP A 252 -21.58 -0.25 39.64
C ASP A 252 -20.14 -0.69 39.39
N CYS A 253 -19.96 -1.65 38.48
CA CYS A 253 -18.64 -2.20 38.23
C CYS A 253 -18.65 -2.90 36.89
N ILE A 254 -17.65 -2.57 36.06
CA ILE A 254 -17.47 -3.23 34.77
C ILE A 254 -16.17 -4.03 34.80
N PHE A 255 -16.28 -5.35 34.57
CA PHE A 255 -15.13 -6.24 34.56
C PHE A 255 -14.85 -6.53 33.09
N CYS A 256 -13.72 -6.04 32.61
CA CYS A 256 -13.37 -6.19 31.17
C CYS A 256 -12.46 -7.38 30.90
N VAL A 257 -12.60 -7.91 29.69
CA VAL A 257 -11.87 -9.12 29.32
C VAL A 257 -10.35 -8.93 29.36
N SER A 258 -9.89 -7.70 29.20
CA SER A 258 -8.48 -7.35 29.47
C SER A 258 -8.36 -5.87 29.78
N ASP A 259 -7.15 -5.45 30.15
CA ASP A 259 -6.89 -4.05 30.54
C ASP A 259 -7.11 -3.10 29.37
N MET A 260 -7.01 -3.63 28.15
CA MET A 260 -7.03 -2.76 26.98
C MET A 260 -8.41 -2.10 26.81
N PRO A 261 -9.50 -2.87 26.69
CA PRO A 261 -10.82 -2.20 26.72
C PRO A 261 -11.10 -1.48 28.05
N ALA A 262 -10.53 -1.96 29.16
CA ALA A 262 -10.71 -1.24 30.42
C ALA A 262 -10.16 0.19 30.33
N PHE A 263 -8.99 0.35 29.71
CA PHE A 263 -8.40 1.66 29.58
C PHE A 263 -9.27 2.54 28.66
N GLY A 264 -9.76 1.97 27.57
CA GLY A 264 -10.61 2.72 26.62
C GLY A 264 -11.90 3.16 27.30
N LEU A 265 -12.51 2.22 28.01
CA LEU A 265 -13.71 2.48 28.81
C LEU A 265 -13.46 3.64 29.79
N LEU A 266 -12.37 3.55 30.56
CA LEU A 266 -11.99 4.63 31.47
C LEU A 266 -11.82 5.98 30.77
N SER A 267 -11.14 5.98 29.63
CA SER A 267 -10.95 7.22 28.86
C SER A 267 -12.28 7.84 28.48
N ARG A 268 -13.21 7.00 28.01
CA ARG A 268 -14.51 7.51 27.55
C ARG A 268 -15.37 7.97 28.71
N LEU A 269 -15.33 7.25 29.85
CA LEU A 269 -16.13 7.66 30.99
C LEU A 269 -15.63 8.99 31.50
N LYS A 270 -14.31 9.19 31.49
CA LYS A 270 -13.74 10.47 31.91
C LYS A 270 -14.18 11.56 30.96
N SER A 271 -14.18 11.26 29.66
CA SER A 271 -14.62 12.24 28.67
CA SER A 271 -14.62 12.24 28.68
C SER A 271 -16.06 12.71 28.89
N ILE A 272 -16.97 11.77 29.18
CA ILE A 272 -18.39 12.10 29.29
C ILE A 272 -18.83 12.51 30.71
N GLY A 273 -17.94 12.37 31.68
CA GLY A 273 -18.23 12.81 33.05
C GLY A 273 -18.77 11.79 34.02
N VAL A 274 -18.57 10.51 33.72
CA VAL A 274 -18.91 9.44 34.66
C VAL A 274 -17.70 9.23 35.56
N ALA A 275 -17.90 9.42 36.85
CA ALA A 275 -16.82 9.35 37.82
C ALA A 275 -16.44 7.90 38.11
N VAL A 276 -15.16 7.60 37.93
CA VAL A 276 -14.59 6.30 38.28
C VAL A 276 -13.64 6.52 39.45
N PRO A 277 -13.84 5.80 40.57
CA PRO A 277 -14.85 4.75 40.75
C PRO A 277 -16.18 5.16 41.36
N GLU A 278 -16.37 6.45 41.60
CA GLU A 278 -17.52 6.86 42.43
C GLU A 278 -18.86 6.41 41.84
N GLN A 279 -19.04 6.57 40.53
CA GLN A 279 -20.25 6.10 39.89
C GLN A 279 -20.07 4.65 39.38
N VAL A 280 -18.97 4.40 38.67
CA VAL A 280 -18.73 3.09 38.07
C VAL A 280 -17.27 2.69 38.32
N SER A 281 -17.06 1.49 38.86
CA SER A 281 -15.72 0.93 39.01
C SER A 281 -15.33 0.20 37.75
N VAL A 282 -14.04 0.11 37.52
CA VAL A 282 -13.53 -0.53 36.29
C VAL A 282 -12.45 -1.54 36.68
N VAL A 283 -12.53 -2.75 36.13
CA VAL A 283 -11.55 -3.79 36.46
C VAL A 283 -11.19 -4.46 35.14
N GLY A 284 -9.90 -4.73 34.98
CA GLY A 284 -9.41 -5.36 33.73
C GLY A 284 -8.83 -6.74 34.01
N PHE A 285 -7.89 -7.15 33.16
CA PHE A 285 -7.25 -8.47 33.29
C PHE A 285 -5.88 -8.35 32.60
N GLY A 286 -4.83 -8.82 33.29
CA GLY A 286 -3.51 -8.97 32.67
C GLY A 286 -2.40 -8.07 33.16
N ASN A 287 -2.72 -7.02 33.90
CA ASN A 287 -1.67 -6.09 34.38
C ASN A 287 -0.80 -5.61 33.24
N PHE A 288 -1.44 -5.15 32.16
CA PHE A 288 -0.70 -4.50 31.10
C PHE A 288 -0.21 -3.11 31.56
N GLU A 289 0.73 -2.53 30.82
CA GLU A 289 1.40 -1.32 31.30
C GLU A 289 0.41 -0.17 31.54
N VAL A 290 -0.59 -0.01 30.66
CA VAL A 290 -1.59 1.07 30.83
C VAL A 290 -2.33 0.99 32.16
N SER A 291 -2.54 -0.23 32.68
CA SER A 291 -3.28 -0.35 33.94
C SER A 291 -2.54 0.34 35.09
N ARG A 292 -1.22 0.38 35.01
CA ARG A 292 -0.39 0.91 36.10
C ARG A 292 -0.22 2.42 36.05
N PHE A 293 -0.51 3.03 34.89
CA PHE A 293 -0.24 4.46 34.71
C PHE A 293 -1.45 5.29 34.31
N ALA A 294 -2.57 4.62 34.08
CA ALA A 294 -3.87 5.27 33.96
C ALA A 294 -4.20 6.03 35.25
N SER A 295 -5.15 6.95 35.15
CA SER A 295 -5.66 7.65 36.32
C SER A 295 -7.18 7.54 36.35
N PRO A 296 -7.71 6.82 37.34
CA PRO A 296 -7.03 6.09 38.40
C PRO A 296 -6.35 4.83 37.84
N GLU A 297 -5.42 4.24 38.57
CA GLU A 297 -4.82 2.97 38.15
C GLU A 297 -5.89 1.88 38.11
N ILE A 298 -5.75 0.97 37.14
CA ILE A 298 -6.80 0.02 36.84
C ILE A 298 -6.58 -1.30 37.58
N SER A 299 -7.54 -1.63 38.44
CA SER A 299 -7.59 -2.94 39.10
C SER A 299 -7.55 -4.05 38.06
N THR A 300 -6.85 -5.13 38.35
CA THR A 300 -6.57 -6.09 37.28
C THR A 300 -6.18 -7.44 37.83
N VAL A 301 -5.94 -8.39 36.92
CA VAL A 301 -5.46 -9.72 37.29
C VAL A 301 -3.99 -9.81 36.83
N ARG A 302 -3.08 -9.91 37.81
CA ARG A 302 -1.64 -9.92 37.53
C ARG A 302 -1.15 -11.33 37.18
N VAL A 303 -0.50 -11.43 36.00
CA VAL A 303 0.06 -12.69 35.51
C VAL A 303 1.60 -12.62 35.47
N ASP A 304 2.26 -13.72 35.12
CA ASP A 304 3.71 -13.79 35.22
C ASP A 304 4.30 -14.27 33.90
N PRO A 305 4.40 -13.35 32.93
CA PRO A 305 4.85 -13.81 31.62
C PRO A 305 6.31 -14.24 31.62
N ILE A 306 7.15 -13.63 32.47
CA ILE A 306 8.55 -14.08 32.53
C ILE A 306 8.60 -15.54 32.97
N ALA A 307 7.86 -15.89 34.03
CA ALA A 307 7.80 -17.27 34.49
C ALA A 307 7.24 -18.21 33.45
N ILE A 308 6.22 -17.77 32.71
CA ILE A 308 5.64 -18.65 31.69
C ILE A 308 6.68 -18.95 30.60
N GLY A 309 7.42 -17.94 30.15
CA GLY A 309 8.41 -18.19 29.09
C GLY A 309 9.58 -19.04 29.61
N ARG A 310 10.01 -18.73 30.83
CA ARG A 310 11.10 -19.46 31.48
C ARG A 310 10.74 -20.95 31.71
N GLU A 311 9.56 -21.19 32.28
CA GLU A 311 9.13 -22.56 32.53
C GLU A 311 8.94 -23.35 31.25
N THR A 312 8.44 -22.68 30.20
CA THR A 312 8.26 -23.36 28.92
C THR A 312 9.62 -23.78 28.35
N GLY A 313 10.56 -22.85 28.38
CA GLY A 313 11.91 -23.11 27.82
C GLY A 313 12.59 -24.23 28.61
N SER A 314 12.50 -24.14 29.93
CA SER A 314 13.16 -25.11 30.80
C SER A 314 12.58 -26.51 30.65
N LEU A 315 11.24 -26.58 30.53
CA LEU A 315 10.56 -27.83 30.28
C LEU A 315 11.07 -28.47 28.99
N ILE A 316 11.09 -27.69 27.91
CA ILE A 316 11.54 -28.22 26.63
C ILE A 316 12.95 -28.83 26.72
N LEU A 317 13.87 -28.10 27.35
CA LEU A 317 15.26 -28.56 27.46
C LEU A 317 15.38 -29.83 28.31
N ARG A 318 14.54 -29.94 29.34
CA ARG A 318 14.52 -31.16 30.17
C ARG A 318 14.00 -32.35 29.37
N LEU A 319 12.98 -32.12 28.55
CA LEU A 319 12.42 -33.16 27.72
C LEU A 319 13.39 -33.64 26.64
N LEU A 320 14.30 -32.77 26.23
CA LEU A 320 15.22 -33.10 25.13
C LEU A 320 16.57 -33.63 25.62
N ASP A 321 16.74 -33.73 26.93
CA ASP A 321 18.03 -34.13 27.51
C ASP A 321 18.24 -35.64 27.41
N ALA A 330 3.05 -36.16 30.46
CA ALA A 330 2.63 -34.75 30.33
C ALA A 330 2.87 -33.99 31.63
N GLN A 331 3.43 -32.80 31.48
CA GLN A 331 3.69 -31.89 32.60
C GLN A 331 2.77 -30.68 32.51
N HIS A 332 2.15 -30.34 33.62
CA HIS A 332 1.22 -29.21 33.68
C HIS A 332 1.69 -28.20 34.67
N ILE A 333 2.37 -27.18 34.15
CA ILE A 333 3.02 -26.20 34.98
C ILE A 333 2.06 -25.03 35.22
N THR A 334 1.79 -24.76 36.50
CA THR A 334 0.72 -23.82 36.86
C THR A 334 1.29 -22.59 37.54
N LEU A 335 0.96 -21.42 37.01
CA LEU A 335 1.42 -20.13 37.52
C LEU A 335 0.19 -19.31 37.92
N PRO A 336 -0.27 -19.46 39.18
CA PRO A 336 -1.51 -18.85 39.62
C PRO A 336 -1.44 -17.32 39.55
N PRO A 337 -2.43 -16.69 38.89
CA PRO A 337 -2.49 -15.22 38.89
C PRO A 337 -2.81 -14.61 40.26
N VAL A 338 -2.59 -13.30 40.37
CA VAL A 338 -2.81 -12.56 41.62
C VAL A 338 -3.75 -11.40 41.33
N LEU A 339 -4.78 -11.23 42.18
CA LEU A 339 -5.72 -10.12 41.99
C LEU A 339 -5.07 -8.84 42.50
N GLU A 340 -5.14 -7.76 41.71
CA GLU A 340 -4.53 -6.47 42.07
C GLU A 340 -5.61 -5.42 42.17
N PHE A 341 -5.83 -4.93 43.38
CA PHE A 341 -6.88 -3.96 43.65
C PHE A 341 -6.30 -2.57 43.73
N ARG A 342 -6.82 -1.69 42.88
CA ARG A 342 -6.29 -0.35 42.69
C ARG A 342 -7.44 0.65 42.69
N PRO A 343 -7.12 1.96 42.72
CA PRO A 343 -8.14 2.99 42.88
C PRO A 343 -9.30 3.06 41.86
N SER A 344 -9.22 2.30 40.75
CA SER A 344 -10.33 2.21 39.81
C SER A 344 -11.50 1.40 40.39
N LEU A 345 -11.24 0.73 41.53
CA LEU A 345 -12.28 0.04 42.28
C LEU A 345 -12.65 0.82 43.54
N LYS A 346 -13.95 1.04 43.74
CA LYS A 346 -14.41 1.86 44.87
C LYS A 346 -13.89 1.27 46.17
N ASN A 347 -13.39 2.13 47.06
CA ASN A 347 -12.84 1.73 48.37
C ASN A 347 -11.45 1.11 48.35
N GLU A 348 -10.84 0.98 47.16
CA GLU A 348 -9.50 0.40 47.06
C GLU A 348 -8.38 1.43 46.88
N GLY B 71 7.18 -20.79 -0.68
CA GLY B 71 7.75 -21.06 0.68
C GLY B 71 7.52 -19.93 1.66
N PHE B 72 8.62 -19.30 2.09
CA PHE B 72 8.54 -18.22 3.10
C PHE B 72 9.42 -16.99 2.85
N VAL B 73 9.03 -15.93 3.55
CA VAL B 73 9.79 -14.70 3.62
C VAL B 73 10.08 -14.55 5.10
N GLY B 74 11.31 -14.15 5.43
CA GLY B 74 11.66 -13.90 6.83
C GLY B 74 11.36 -12.49 7.24
N LEU B 75 10.91 -12.31 8.47
CA LEU B 75 10.72 -10.96 9.01
C LEU B 75 11.38 -10.90 10.38
N LEU B 76 12.27 -9.92 10.56
CA LEU B 76 12.94 -9.73 11.84
C LEU B 76 12.43 -8.45 12.49
N LEU B 77 12.10 -8.55 13.78
CA LEU B 77 11.53 -7.41 14.52
C LEU B 77 12.21 -7.29 15.87
N PRO B 78 12.43 -6.06 16.32
CA PRO B 78 13.01 -5.83 17.65
C PRO B 78 12.02 -5.86 18.81
N SER B 79 10.72 -5.88 18.51
CA SER B 79 9.68 -5.84 19.53
C SER B 79 8.49 -6.68 19.15
N LEU B 80 7.90 -7.33 20.15
CA LEU B 80 6.62 -8.02 20.01
C LEU B 80 5.53 -7.30 20.79
N ASN B 81 5.75 -6.03 21.06
CA ASN B 81 4.82 -5.23 21.83
C ASN B 81 4.70 -3.86 21.14
N ASN B 82 4.38 -3.90 19.86
CA ASN B 82 4.44 -2.68 19.04
C ASN B 82 3.33 -2.72 17.99
N LEU B 83 2.40 -1.79 18.10
CA LEU B 83 1.28 -1.68 17.17
C LEU B 83 1.75 -1.59 15.70
N HIS B 84 2.81 -0.83 15.46
CA HIS B 84 3.28 -0.61 14.09
C HIS B 84 3.70 -1.93 13.50
N PHE B 85 4.49 -2.69 14.25
CA PHE B 85 4.98 -3.97 13.73
C PHE B 85 3.87 -4.99 13.60
N ALA B 86 2.93 -5.01 14.54
CA ALA B 86 1.77 -5.88 14.43
C ALA B 86 1.00 -5.61 13.13
N GLN B 87 0.71 -4.35 12.86
CA GLN B 87 -0.05 -3.99 11.65
C GLN B 87 0.76 -4.23 10.38
N THR B 88 2.06 -3.95 10.43
CA THR B 88 2.94 -4.26 9.31
C THR B 88 2.92 -5.74 9.01
N ALA B 89 3.07 -6.58 10.05
CA ALA B 89 3.07 -8.02 9.84
C ALA B 89 1.74 -8.56 9.30
N GLN B 90 0.63 -8.01 9.78
CA GLN B 90 -0.69 -8.44 9.34
C GLN B 90 -0.89 -8.14 7.84
N SER B 91 -0.59 -6.91 7.43
CA SER B 91 -0.78 -6.58 6.01
CA SER B 91 -0.72 -6.52 6.02
C SER B 91 0.25 -7.31 5.13
N LEU B 92 1.46 -7.47 5.63
CA LEU B 92 2.49 -8.14 4.86
C LEU B 92 2.07 -9.61 4.66
N THR B 93 1.55 -10.21 5.73
CA THR B 93 1.02 -11.59 5.72
C THR B 93 -0.04 -11.75 4.62
N ASP B 94 -1.01 -10.84 4.64
CA ASP B 94 -2.13 -10.85 3.71
C ASP B 94 -1.68 -10.73 2.25
N VAL B 95 -0.73 -9.84 1.99
CA VAL B 95 -0.19 -9.70 0.64
C VAL B 95 0.58 -10.96 0.22
N LEU B 96 1.43 -11.47 1.11
CA LEU B 96 2.27 -12.57 0.70
C LEU B 96 1.46 -13.84 0.48
N GLU B 97 0.35 -14.01 1.22
CA GLU B 97 -0.54 -15.16 1.06
C GLU B 97 -1.03 -15.25 -0.40
N GLN B 98 -1.12 -14.10 -1.07
CA GLN B 98 -1.56 -14.05 -2.48
C GLN B 98 -0.49 -14.47 -3.48
N GLY B 99 0.75 -14.61 -3.02
CA GLY B 99 1.82 -15.16 -3.82
C GLY B 99 2.22 -16.54 -3.33
N GLY B 100 1.42 -17.12 -2.43
CA GLY B 100 1.68 -18.44 -1.88
C GLY B 100 2.71 -18.50 -0.77
N LEU B 101 3.08 -17.34 -0.23
CA LEU B 101 4.16 -17.27 0.79
C LEU B 101 3.68 -17.03 2.20
N GLN B 102 4.37 -17.63 3.17
CA GLN B 102 4.09 -17.37 4.58
C GLN B 102 5.22 -16.53 5.15
N LEU B 103 4.96 -15.94 6.30
CA LEU B 103 5.95 -15.20 7.01
C LEU B 103 6.53 -16.08 8.13
N LEU B 104 7.86 -16.08 8.25
CA LEU B 104 8.53 -16.67 9.42
C LEU B 104 9.18 -15.50 10.15
N LEU B 105 8.93 -15.41 11.46
CA LEU B 105 9.37 -14.25 12.22
C LEU B 105 10.50 -14.60 13.18
N GLY B 106 11.42 -13.65 13.34
CA GLY B 106 12.46 -13.78 14.34
C GLY B 106 12.39 -12.56 15.23
N TYR B 107 12.52 -12.76 16.53
CA TYR B 107 12.46 -11.67 17.48
C TYR B 107 13.85 -11.37 18.03
N THR B 108 14.35 -10.16 17.77
CA THR B 108 15.75 -9.83 18.09
C THR B 108 15.92 -9.21 19.48
N ALA B 109 14.83 -8.67 20.03
CA ALA B 109 14.87 -7.93 21.30
C ALA B 109 15.96 -6.83 21.29
N TYR B 110 16.15 -6.18 20.14
CA TYR B 110 17.11 -5.09 19.96
C TYR B 110 18.58 -5.48 19.98
N SER B 111 18.85 -6.79 19.96
CA SER B 111 20.21 -7.28 19.97
C SER B 111 20.72 -7.47 18.52
N PRO B 112 21.73 -6.68 18.11
CA PRO B 112 22.30 -6.90 16.77
C PRO B 112 22.92 -8.28 16.64
N GLU B 113 23.46 -8.80 17.74
CA GLU B 113 24.02 -10.15 17.74
C GLU B 113 22.94 -11.21 17.50
N ARG B 114 21.79 -11.07 18.15
CA ARG B 114 20.70 -12.02 17.95
C ARG B 114 20.13 -11.88 16.53
N GLU B 115 20.07 -10.65 16.04
CA GLU B 115 19.66 -10.43 14.64
C GLU B 115 20.59 -11.24 13.71
N GLU B 116 21.89 -11.16 13.95
CA GLU B 116 22.85 -11.92 13.12
C GLU B 116 22.57 -13.43 13.18
N GLN B 117 22.40 -13.94 14.39
CA GLN B 117 22.15 -15.36 14.56
C GLN B 117 20.88 -15.84 13.87
N LEU B 118 19.83 -15.03 13.96
CA LEU B 118 18.55 -15.32 13.31
C LEU B 118 18.65 -15.25 11.81
N VAL B 119 19.41 -14.27 11.30
CA VAL B 119 19.65 -14.15 9.86
C VAL B 119 20.35 -15.40 9.34
N GLU B 120 21.39 -15.85 10.04
CA GLU B 120 22.12 -17.04 9.60
C GLU B 120 21.22 -18.26 9.54
N THR B 121 20.40 -18.43 10.58
CA THR B 121 19.48 -19.56 10.71
CA THR B 121 19.53 -19.60 10.65
C THR B 121 18.42 -19.55 9.60
N MET B 122 17.85 -18.38 9.35
CA MET B 122 16.82 -18.25 8.32
CA MET B 122 16.82 -18.22 8.33
C MET B 122 17.41 -18.45 6.93
N LEU B 123 18.52 -17.78 6.64
CA LEU B 123 19.16 -17.91 5.33
C LEU B 123 19.49 -19.34 4.94
N ARG B 124 19.89 -20.14 5.93
CA ARG B 124 20.15 -21.57 5.67
C ARG B 124 18.94 -22.30 5.08
N ARG B 125 17.75 -21.85 5.46
CA ARG B 125 16.49 -22.47 5.03
C ARG B 125 15.96 -21.90 3.71
N ARG B 126 16.77 -21.03 3.12
CA ARG B 126 16.51 -20.43 1.80
C ARG B 126 15.18 -19.70 1.70
N PRO B 127 15.06 -18.55 2.42
CA PRO B 127 13.84 -17.76 2.29
C PRO B 127 13.81 -17.13 0.91
N GLU B 128 12.61 -16.85 0.40
CA GLU B 128 12.49 -16.17 -0.89
C GLU B 128 12.87 -14.68 -0.82
N ALA B 129 12.73 -14.09 0.37
CA ALA B 129 13.15 -12.70 0.62
C ALA B 129 13.36 -12.54 2.11
N MET B 130 14.05 -11.45 2.49
CA MET B 130 14.23 -11.10 3.92
C MET B 130 13.79 -9.66 4.18
N VAL B 131 13.01 -9.47 5.24
CA VAL B 131 12.53 -8.15 5.64
C VAL B 131 13.04 -7.91 7.05
N LEU B 132 13.71 -6.77 7.25
CA LEU B 132 14.27 -6.47 8.58
C LEU B 132 13.81 -5.10 9.01
N SER B 133 13.22 -5.00 10.19
CA SER B 133 12.91 -3.70 10.77
CA SER B 133 12.91 -3.68 10.73
C SER B 133 14.24 -3.11 11.21
N TYR B 134 14.56 -1.92 10.71
CA TYR B 134 15.88 -1.37 10.89
C TYR B 134 16.09 -0.74 12.27
N ASP B 135 17.09 -1.25 13.00
CA ASP B 135 17.58 -0.59 14.21
C ASP B 135 19.07 -0.87 14.40
N GLY B 136 19.79 -0.93 13.28
CA GLY B 136 21.23 -1.20 13.26
C GLY B 136 21.57 -2.67 13.10
N HIS B 137 22.69 -2.94 12.43
CA HIS B 137 23.13 -4.30 12.14
C HIS B 137 24.61 -4.46 12.50
N THR B 138 25.03 -5.69 12.76
CA THR B 138 26.47 -5.98 12.79
C THR B 138 27.00 -6.00 11.37
N GLU B 139 28.32 -5.85 11.25
CA GLU B 139 29.01 -5.91 9.96
C GLU B 139 28.73 -7.27 9.27
N GLN B 140 28.77 -8.34 10.05
CA GLN B 140 28.54 -9.68 9.53
C GLN B 140 27.11 -9.88 9.04
N THR B 141 26.12 -9.31 9.72
CA THR B 141 24.77 -9.37 9.20
C THR B 141 24.66 -8.72 7.83
N ILE B 142 25.29 -7.56 7.65
CA ILE B 142 25.24 -6.86 6.37
C ILE B 142 25.84 -7.77 5.28
N ARG B 143 26.98 -8.38 5.60
CA ARG B 143 27.67 -9.28 4.65
C ARG B 143 26.83 -10.49 4.26
N LEU B 144 26.25 -11.17 5.25
CA LEU B 144 25.39 -12.32 5.00
C LEU B 144 24.18 -11.98 4.13
N LEU B 145 23.57 -10.83 4.37
CA LEU B 145 22.42 -10.40 3.58
C LEU B 145 22.79 -9.99 2.16
N GLN B 146 23.95 -9.33 2.01
CA GLN B 146 24.41 -8.90 0.70
C GLN B 146 24.70 -10.12 -0.18
N ARG B 147 25.20 -11.18 0.44
CA ARG B 147 25.65 -12.40 -0.26
C ARG B 147 24.52 -13.37 -0.59
N ALA B 148 23.32 -13.10 -0.09
CA ALA B 148 22.22 -14.05 -0.13
C ALA B 148 21.52 -14.22 -1.48
N SER B 149 21.73 -13.27 -2.39
CA SER B 149 21.12 -13.30 -3.73
C SER B 149 19.60 -13.34 -3.76
N ILE B 150 18.97 -12.74 -2.75
CA ILE B 150 17.51 -12.66 -2.66
C ILE B 150 17.17 -11.21 -2.29
N PRO B 151 15.92 -10.79 -2.54
CA PRO B 151 15.55 -9.43 -2.14
C PRO B 151 15.70 -9.22 -0.64
N ILE B 152 16.34 -8.11 -0.29
CA ILE B 152 16.47 -7.68 1.11
C ILE B 152 15.71 -6.37 1.22
N VAL B 153 14.82 -6.28 2.21
CA VAL B 153 14.05 -5.07 2.44
C VAL B 153 14.23 -4.64 3.89
N GLU B 154 14.70 -3.42 4.09
CA GLU B 154 14.82 -2.84 5.45
C GLU B 154 13.67 -1.88 5.58
N ILE B 155 12.94 -1.97 6.69
CA ILE B 155 11.73 -1.19 6.82
C ILE B 155 11.73 -0.29 8.04
N TRP B 156 10.82 0.69 8.01
CA TRP B 156 10.56 1.61 9.14
C TRP B 156 11.60 2.70 9.36
N GLU B 157 12.59 2.75 8.48
CA GLU B 157 13.63 3.77 8.53
C GLU B 157 14.32 3.77 7.17
N LYS B 158 14.88 4.91 6.78
CA LYS B 158 15.76 4.97 5.63
C LYS B 158 17.20 4.98 6.14
N PRO B 159 17.88 3.82 6.15
CA PRO B 159 19.24 3.74 6.67
C PRO B 159 20.23 4.54 5.82
N ALA B 160 21.34 4.97 6.43
CA ALA B 160 22.38 5.70 5.71
C ALA B 160 22.93 4.85 4.57
N HIS B 161 23.05 3.55 4.83
CA HIS B 161 23.61 2.62 3.86
C HIS B 161 22.71 1.38 3.73
N PRO B 162 21.64 1.51 2.93
CA PRO B 162 20.72 0.39 2.74
C PRO B 162 21.37 -0.84 2.09
N ILE B 163 21.08 -2.02 2.60
CA ILE B 163 21.61 -3.26 2.04
C ILE B 163 20.98 -3.51 0.67
N GLY B 164 19.67 -3.33 0.58
CA GLY B 164 18.92 -3.53 -0.67
C GLY B 164 17.84 -2.49 -0.79
N HIS B 165 16.59 -2.94 -0.73
CA HIS B 165 15.42 -2.07 -0.86
C HIS B 165 15.06 -1.50 0.51
N THR B 166 14.33 -0.39 0.51
CA THR B 166 13.80 0.14 1.77
C THR B 166 12.33 0.53 1.61
N VAL B 167 11.57 0.38 2.69
CA VAL B 167 10.19 0.88 2.74
C VAL B 167 10.03 1.61 4.09
N GLY B 168 9.77 2.90 4.05
CA GLY B 168 9.76 3.66 5.29
C GLY B 168 9.87 5.14 5.08
N PHE B 169 10.58 5.79 5.99
CA PHE B 169 10.80 7.24 5.94
C PHE B 169 12.02 7.55 6.76
N SER B 170 12.55 8.75 6.57
CA SER B 170 13.68 9.22 7.37
C SER B 170 13.22 9.60 8.77
N ASN B 171 13.71 8.86 9.77
CA ASN B 171 13.39 9.20 11.17
C ASN B 171 14.03 10.52 11.60
N GLU B 172 15.25 10.75 11.14
CA GLU B 172 15.93 12.04 11.36
C GLU B 172 15.08 13.20 10.80
N ARG B 173 14.63 13.07 9.56
CA ARG B 173 13.86 14.15 8.95
C ARG B 173 12.54 14.37 9.67
N ALA B 174 11.91 13.27 10.10
CA ALA B 174 10.62 13.41 10.78
C ALA B 174 10.77 14.18 12.08
N ALA B 175 11.81 13.88 12.86
CA ALA B 175 12.01 14.62 14.13
C ALA B 175 12.46 16.05 13.91
N TYR B 176 13.26 16.28 12.87
CA TYR B 176 13.67 17.65 12.47
C TYR B 176 12.42 18.47 12.10
N ASP B 177 11.53 17.89 11.30
CA ASP B 177 10.33 18.57 10.91
C ASP B 177 9.42 18.88 12.10
N MET B 178 9.25 17.91 13.00
CA MET B 178 8.40 18.16 14.17
C MET B 178 9.00 19.23 15.05
N THR B 179 10.31 19.17 15.28
CA THR B 179 10.97 20.19 16.11
C THR B 179 10.79 21.57 15.48
N ASN B 180 10.98 21.67 14.17
CA ASN B 180 10.74 22.94 13.48
C ASN B 180 9.30 23.45 13.59
N ALA B 181 8.33 22.54 13.55
CA ALA B 181 6.93 22.90 13.73
C ALA B 181 6.70 23.48 15.14
N LEU B 182 7.38 22.92 16.13
CA LEU B 182 7.25 23.38 17.50
C LEU B 182 7.90 24.76 17.66
N LEU B 183 9.07 24.94 17.05
CA LEU B 183 9.74 26.25 17.07
C LEU B 183 8.89 27.31 16.41
N ALA B 184 8.25 26.95 15.30
CA ALA B 184 7.37 27.86 14.56
C ALA B 184 6.15 28.30 15.35
N ARG B 185 5.73 27.46 16.29
CA ARG B 185 4.58 27.68 17.16
C ARG B 185 4.97 28.48 18.41
N GLY B 186 6.25 28.85 18.48
CA GLY B 186 6.73 29.76 19.51
C GLY B 186 7.21 29.15 20.80
N PHE B 187 7.42 27.82 20.83
CA PHE B 187 7.93 27.16 22.04
C PHE B 187 9.40 27.52 22.29
N ARG B 188 9.71 27.92 23.52
CA ARG B 188 10.96 28.61 23.86
C ARG B 188 11.99 27.71 24.51
N LYS B 189 11.54 26.56 25.03
CA LYS B 189 12.43 25.68 25.79
C LYS B 189 11.98 24.25 25.60
N ILE B 190 12.24 23.73 24.41
CA ILE B 190 11.90 22.36 24.06
C ILE B 190 13.00 21.42 24.52
N VAL B 191 12.59 20.32 25.16
CA VAL B 191 13.52 19.32 25.67
C VAL B 191 13.19 17.98 25.00
N PHE B 192 14.20 17.31 24.46
CA PHE B 192 13.99 15.99 23.87
C PHE B 192 14.18 14.92 24.93
N LEU B 193 13.28 13.93 24.94
CA LEU B 193 13.42 12.80 25.84
C LEU B 193 13.67 11.52 25.02
N GLY B 194 14.86 10.95 25.23
CA GLY B 194 15.29 9.77 24.47
C GLY B 194 15.96 8.70 25.31
N GLU B 195 16.63 7.77 24.62
CA GLU B 195 17.14 6.55 25.23
C GLU B 195 18.65 6.59 25.41
N LYS B 196 19.12 5.95 26.49
CA LYS B 196 20.54 5.67 26.58
C LYS B 196 20.82 4.44 25.73
N ASP B 197 22.10 4.25 25.38
CA ASP B 197 22.56 3.01 24.72
C ASP B 197 21.69 2.71 23.50
N ASP B 198 21.61 3.68 22.61
CA ASP B 198 20.69 3.59 21.48
C ASP B 198 21.45 3.76 20.17
N ASP B 199 22.76 3.53 20.20
CA ASP B 199 23.55 3.71 18.98
C ASP B 199 22.92 2.95 17.81
N TRP B 200 22.84 3.63 16.67
CA TRP B 200 22.41 3.03 15.39
C TRP B 200 20.93 2.69 15.31
N THR B 201 20.15 3.11 16.30
CA THR B 201 18.72 2.80 16.30
C THR B 201 17.89 3.96 15.76
N ARG B 202 16.62 3.71 15.53
CA ARG B 202 15.69 4.76 15.09
C ARG B 202 15.57 5.90 16.10
N GLY B 203 15.62 5.57 17.39
CA GLY B 203 15.61 6.63 18.43
C GLY B 203 16.79 7.59 18.31
N ALA B 204 17.97 7.04 18.01
CA ALA B 204 19.17 7.87 17.79
C ALA B 204 19.01 8.82 16.60
N ALA B 205 18.35 8.36 15.54
CA ALA B 205 18.07 9.24 14.40
C ALA B 205 17.10 10.35 14.76
N ARG B 206 16.08 10.03 15.55
CA ARG B 206 15.14 11.06 16.00
C ARG B 206 15.89 12.13 16.84
N ARG B 207 16.74 11.68 17.76
CA ARG B 207 17.54 12.63 18.55
C ARG B 207 18.34 13.53 17.62
N ALA B 208 18.94 12.92 16.61
CA ALA B 208 19.77 13.64 15.64
C ALA B 208 18.98 14.75 14.93
N GLY B 209 17.73 14.45 14.57
CA GLY B 209 16.92 15.42 13.84
C GLY B 209 16.53 16.57 14.73
N PHE B 210 16.22 16.26 15.99
CA PHE B 210 15.94 17.29 16.99
C PHE B 210 17.16 18.21 17.11
N LYS B 211 18.33 17.61 17.26
CA LYS B 211 19.56 18.38 17.46
C LYS B 211 19.86 19.29 16.29
N ARG B 212 19.63 18.78 15.08
CA ARG B 212 19.88 19.58 13.88
C ARG B 212 18.96 20.78 13.83
N ALA B 213 17.69 20.58 14.16
CA ALA B 213 16.70 21.65 14.18
C ALA B 213 17.09 22.72 15.21
N MET B 214 17.51 22.27 16.38
CA MET B 214 17.90 23.20 17.45
C MET B 214 19.17 23.97 17.05
N ARG B 215 20.16 23.27 16.49
CA ARG B 215 21.41 23.91 16.03
CA ARG B 215 21.41 23.92 16.04
C ARG B 215 21.15 24.98 14.98
N GLU B 216 20.29 24.67 14.02
CA GLU B 216 19.96 25.60 12.94
C GLU B 216 19.19 26.80 13.48
N ALA B 217 18.51 26.62 14.61
CA ALA B 217 17.73 27.69 15.23
C ALA B 217 18.57 28.55 16.15
N GLY B 218 19.85 28.18 16.32
CA GLY B 218 20.75 28.87 17.25
C GLY B 218 20.57 28.46 18.69
N LEU B 219 19.71 27.46 18.91
CA LEU B 219 19.38 27.02 20.27
C LEU B 219 20.22 25.83 20.71
N ASN B 220 19.94 25.34 21.90
CA ASN B 220 20.80 24.38 22.56
C ASN B 220 20.47 22.90 22.24
N PRO B 221 21.34 22.20 21.47
CA PRO B 221 21.09 20.81 21.07
C PRO B 221 21.28 19.79 22.21
N ASP B 222 21.98 20.21 23.26
CA ASP B 222 22.18 19.42 24.47
C ASP B 222 20.94 19.39 25.36
N GLN B 223 19.89 20.09 24.95
CA GLN B 223 18.66 20.23 25.74
C GLN B 223 17.85 18.93 25.63
N GLU B 224 18.32 17.91 26.32
CA GLU B 224 17.79 16.57 26.17
C GLU B 224 18.07 15.74 27.41
N ILE B 225 17.19 14.77 27.66
CA ILE B 225 17.37 13.82 28.75
CA ILE B 225 17.35 13.82 28.75
C ILE B 225 17.35 12.43 28.15
N ARG B 226 18.28 11.59 28.60
CA ARG B 226 18.36 10.20 28.16
CA ARG B 226 18.37 10.21 28.16
C ARG B 226 18.28 9.29 29.37
N LEU B 227 17.45 8.26 29.28
CA LEU B 227 17.37 7.23 30.32
C LEU B 227 16.93 5.91 29.68
N GLY B 228 16.90 4.86 30.48
CA GLY B 228 16.43 3.56 30.00
C GLY B 228 17.24 3.04 28.82
N ALA B 229 16.55 2.32 27.94
CA ALA B 229 17.17 1.72 26.77
C ALA B 229 16.07 1.56 25.70
N PRO B 230 16.46 1.34 24.44
CA PRO B 230 15.40 1.07 23.46
C PRO B 230 14.60 -0.18 23.80
N PRO B 231 13.25 -0.12 23.71
CA PRO B 231 12.44 1.06 23.40
C PRO B 231 12.00 1.73 24.70
N LEU B 232 12.11 3.05 24.79
CA LEU B 232 11.67 3.73 26.00
C LEU B 232 10.23 3.38 26.34
N SER B 233 9.96 3.17 27.64
CA SER B 233 8.63 2.71 28.08
C SER B 233 7.80 3.82 28.73
N ILE B 234 6.54 3.49 28.98
CA ILE B 234 5.66 4.39 29.73
C ILE B 234 6.27 4.68 31.11
N GLU B 235 6.72 3.62 31.77
CA GLU B 235 7.38 3.76 33.07
C GLU B 235 8.61 4.71 33.01
N ASP B 236 9.39 4.62 31.93
CA ASP B 236 10.53 5.53 31.75
C ASP B 236 10.08 6.98 31.65
N GLY B 237 8.94 7.21 31.00
CA GLY B 237 8.39 8.55 30.91
C GLY B 237 8.00 9.09 32.27
N VAL B 238 7.45 8.21 33.12
CA VAL B 238 7.11 8.61 34.49
C VAL B 238 8.38 9.07 35.21
N ALA B 239 9.44 8.28 35.09
CA ALA B 239 10.72 8.61 35.76
C ALA B 239 11.35 9.89 35.21
N ALA B 240 11.09 10.17 33.94
CA ALA B 240 11.71 11.31 33.27
C ALA B 240 11.13 12.66 33.71
N ALA B 241 9.89 12.68 34.20
CA ALA B 241 9.23 13.94 34.49
C ALA B 241 10.04 14.83 35.44
N GLU B 242 10.44 14.26 36.58
CA GLU B 242 11.16 15.06 37.58
C GLU B 242 12.56 15.42 37.12
N LEU B 243 13.17 14.48 36.41
CA LEU B 243 14.50 14.66 35.83
C LEU B 243 14.56 15.83 34.85
N ILE B 244 13.59 15.90 33.96
CA ILE B 244 13.52 17.00 33.01
C ILE B 244 13.30 18.35 33.71
N LEU B 245 12.39 18.38 34.68
CA LEU B 245 12.07 19.63 35.35
C LEU B 245 13.21 20.08 36.26
N GLN B 246 13.99 19.11 36.74
CA GLN B 246 15.21 19.42 37.49
C GLN B 246 16.30 20.06 36.62
N GLU B 247 16.47 19.50 35.42
CA GLU B 247 17.53 19.92 34.51
C GLU B 247 17.17 21.18 33.72
N TYR B 248 15.88 21.33 33.42
CA TYR B 248 15.37 22.44 32.61
C TYR B 248 14.06 22.90 33.20
N PRO B 249 14.15 23.63 34.33
CA PRO B 249 12.93 24.03 35.05
C PRO B 249 11.92 24.81 34.23
N ASP B 250 12.39 25.57 33.24
CA ASP B 250 11.52 26.44 32.46
C ASP B 250 11.04 25.75 31.19
N THR B 251 11.16 24.43 31.11
CA THR B 251 10.71 23.74 29.90
C THR B 251 9.25 24.09 29.62
N ASP B 252 8.93 24.37 28.34
CA ASP B 252 7.54 24.59 27.93
C ASP B 252 7.02 23.50 26.97
N CYS B 253 7.90 22.59 26.57
CA CYS B 253 7.53 21.53 25.65
C CYS B 253 8.50 20.38 25.73
N ILE B 254 7.99 19.17 25.86
CA ILE B 254 8.83 17.99 25.83
C ILE B 254 8.47 17.10 24.65
N PHE B 255 9.45 16.88 23.77
CA PHE B 255 9.30 16.02 22.61
C PHE B 255 9.96 14.68 22.91
N CYS B 256 9.14 13.62 22.95
CA CYS B 256 9.58 12.29 23.36
C CYS B 256 9.86 11.37 22.19
N VAL B 257 10.77 10.42 22.39
CA VAL B 257 11.17 9.53 21.30
C VAL B 257 10.01 8.65 20.76
N SER B 258 9.03 8.37 21.60
CA SER B 258 7.77 7.79 21.14
C SER B 258 6.65 8.15 22.09
N ASP B 259 5.44 7.77 21.71
CA ASP B 259 4.24 8.08 22.52
C ASP B 259 4.23 7.37 23.88
N MET B 260 4.97 6.27 23.97
CA MET B 260 4.93 5.49 25.22
C MET B 260 5.49 6.31 26.40
N PRO B 261 6.76 6.75 26.33
CA PRO B 261 7.20 7.65 27.43
C PRO B 261 6.37 8.93 27.50
N ALA B 262 5.87 9.46 26.37
CA ALA B 262 5.00 10.64 26.41
C ALA B 262 3.77 10.44 27.32
N PHE B 263 3.11 9.29 27.18
CA PHE B 263 2.00 8.95 28.07
C PHE B 263 2.44 8.89 29.54
N GLY B 264 3.57 8.25 29.80
CA GLY B 264 4.06 8.16 31.20
C GLY B 264 4.38 9.54 31.76
N LEU B 265 5.04 10.36 30.94
CA LEU B 265 5.36 11.72 31.31
C LEU B 265 4.08 12.50 31.65
N LEU B 266 3.09 12.40 30.77
CA LEU B 266 1.80 13.05 31.00
C LEU B 266 1.16 12.61 32.34
N SER B 267 1.19 11.30 32.61
CA SER B 267 0.63 10.71 33.83
C SER B 267 1.31 11.29 35.06
N ARG B 268 2.64 11.42 34.99
CA ARG B 268 3.37 11.94 36.15
C ARG B 268 3.23 13.47 36.34
N LEU B 269 3.21 14.22 35.24
CA LEU B 269 3.02 15.66 35.33
C LEU B 269 1.65 15.96 35.92
N LYS B 270 0.62 15.24 35.45
CA LYS B 270 -0.73 15.42 36.01
C LYS B 270 -0.72 15.10 37.51
N SER B 271 -0.02 14.04 37.90
CA SER B 271 0.07 13.62 39.31
C SER B 271 0.70 14.69 40.20
N ILE B 272 1.78 15.30 39.72
CA ILE B 272 2.50 16.31 40.52
C ILE B 272 1.91 17.72 40.35
N GLY B 273 0.88 17.83 39.53
CA GLY B 273 0.14 19.07 39.36
C GLY B 273 0.75 20.10 38.43
N VAL B 274 1.54 19.62 37.47
CA VAL B 274 2.04 20.46 36.41
C VAL B 274 0.99 20.47 35.30
N ALA B 275 0.56 21.66 34.89
CA ALA B 275 -0.47 21.79 33.86
C ALA B 275 0.06 21.46 32.48
N VAL B 276 -0.60 20.50 31.83
CA VAL B 276 -0.34 20.16 30.42
C VAL B 276 -1.59 20.51 29.60
N PRO B 277 -1.45 21.38 28.59
CA PRO B 277 -0.19 21.98 28.14
C PRO B 277 0.12 23.38 28.66
N GLU B 278 -0.63 23.87 29.64
CA GLU B 278 -0.49 25.28 30.00
C GLU B 278 0.89 25.65 30.55
N GLN B 279 1.50 24.75 31.31
CA GLN B 279 2.90 24.94 31.72
C GLN B 279 3.84 24.20 30.76
N VAL B 280 3.62 22.87 30.64
CA VAL B 280 4.46 22.02 29.79
C VAL B 280 3.59 21.32 28.74
N SER B 281 3.95 21.47 27.48
CA SER B 281 3.35 20.71 26.39
C SER B 281 4.08 19.36 26.22
N VAL B 282 3.35 18.38 25.69
CA VAL B 282 3.92 17.03 25.50
C VAL B 282 3.70 16.56 24.07
N VAL B 283 4.76 16.09 23.42
CA VAL B 283 4.67 15.61 22.04
C VAL B 283 5.39 14.27 21.98
N GLY B 284 4.79 13.32 21.27
CA GLY B 284 5.38 12.00 21.10
C GLY B 284 5.71 11.70 19.64
N PHE B 285 5.74 10.40 19.31
CA PHE B 285 6.07 9.93 17.98
C PHE B 285 5.41 8.56 17.80
N GLY B 286 4.78 8.36 16.65
CA GLY B 286 4.20 7.07 16.29
C GLY B 286 2.69 6.93 16.21
N ASN B 287 1.95 7.87 16.82
CA ASN B 287 0.48 7.71 16.89
C ASN B 287 0.09 6.33 17.39
N PHE B 288 0.69 5.92 18.52
CA PHE B 288 0.24 4.69 19.16
C PHE B 288 -1.12 4.88 19.83
N GLU B 289 -1.79 3.78 20.23
CA GLU B 289 -3.13 3.94 20.78
C GLU B 289 -3.23 4.89 21.98
N VAL B 290 -2.29 4.81 22.91
CA VAL B 290 -2.33 5.69 24.09
C VAL B 290 -2.37 7.18 23.75
N SER B 291 -1.81 7.58 22.61
CA SER B 291 -1.79 9.01 22.26
C SER B 291 -3.19 9.53 21.94
N ARG B 292 -4.06 8.64 21.47
CA ARG B 292 -5.40 9.03 21.03
C ARG B 292 -6.42 8.97 22.16
N PHE B 293 -6.08 8.28 23.24
CA PHE B 293 -7.04 8.05 24.33
C PHE B 293 -6.65 8.65 25.67
N ALA B 294 -5.43 9.19 25.74
CA ALA B 294 -4.99 9.97 26.88
C ALA B 294 -5.78 11.27 26.98
N SER B 295 -5.71 11.88 28.16
CA SER B 295 -6.34 13.18 28.42
CA SER B 295 -6.33 13.19 28.39
C SER B 295 -5.29 14.17 28.96
N PRO B 296 -4.92 15.21 28.18
CA PRO B 296 -5.34 15.49 26.80
C PRO B 296 -4.72 14.50 25.81
N GLU B 297 -5.29 14.43 24.61
CA GLU B 297 -4.75 13.56 23.56
C GLU B 297 -3.37 14.09 23.20
N ILE B 298 -2.47 13.18 22.85
CA ILE B 298 -1.05 13.51 22.75
C ILE B 298 -0.64 13.80 21.30
N SER B 299 -0.16 15.02 21.05
CA SER B 299 0.42 15.38 19.74
C SER B 299 1.51 14.40 19.38
N THR B 300 1.61 14.06 18.10
CA THR B 300 2.48 12.96 17.71
C THR B 300 2.80 13.03 16.24
N VAL B 301 3.65 12.10 15.79
CA VAL B 301 4.00 11.95 14.38
C VAL B 301 3.32 10.69 13.90
N ARG B 302 2.36 10.87 12.98
CA ARG B 302 1.53 9.78 12.50
C ARG B 302 2.22 9.07 11.34
N VAL B 303 2.20 7.74 11.39
CA VAL B 303 2.81 6.89 10.38
C VAL B 303 1.72 5.97 9.78
N ASP B 304 2.08 5.13 8.81
CA ASP B 304 1.08 4.32 8.14
C ASP B 304 1.53 2.87 8.08
N PRO B 305 1.38 2.13 9.19
CA PRO B 305 1.93 0.77 9.22
C PRO B 305 1.29 -0.21 8.23
N ILE B 306 -0.01 -0.06 7.98
CA ILE B 306 -0.67 -0.90 6.97
C ILE B 306 0.00 -0.69 5.62
N ALA B 307 0.27 0.57 5.29
CA ALA B 307 0.90 0.90 4.03
C ALA B 307 2.33 0.36 3.97
N ILE B 308 3.08 0.44 5.08
CA ILE B 308 4.42 -0.13 5.10
C ILE B 308 4.37 -1.63 4.78
N GLY B 309 3.45 -2.34 5.42
CA GLY B 309 3.30 -3.79 5.18
C GLY B 309 2.89 -4.11 3.75
N ARG B 310 1.92 -3.35 3.24
CA ARG B 310 1.44 -3.54 1.87
C ARG B 310 2.47 -3.21 0.82
N GLU B 311 3.17 -2.09 0.99
CA GLU B 311 4.20 -1.72 0.04
C GLU B 311 5.32 -2.77 0.05
N THR B 312 5.66 -3.28 1.23
CA THR B 312 6.73 -4.24 1.36
C THR B 312 6.29 -5.54 0.66
N GLY B 313 5.06 -5.96 0.90
CA GLY B 313 4.53 -7.18 0.30
C GLY B 313 4.44 -7.05 -1.20
N SER B 314 3.85 -5.95 -1.66
CA SER B 314 3.76 -5.72 -3.12
C SER B 314 5.12 -5.72 -3.80
N LEU B 315 6.10 -5.05 -3.17
CA LEU B 315 7.46 -4.99 -3.70
C LEU B 315 8.04 -6.39 -3.85
N ILE B 316 7.99 -7.17 -2.78
CA ILE B 316 8.46 -8.54 -2.82
C ILE B 316 7.80 -9.36 -3.94
N LEU B 317 6.48 -9.29 -4.05
CA LEU B 317 5.78 -10.07 -5.09
C LEU B 317 6.16 -9.60 -6.49
N ARG B 318 6.37 -8.29 -6.68
CA ARG B 318 6.88 -7.80 -7.97
C ARG B 318 8.24 -8.39 -8.29
N LEU B 319 9.14 -8.35 -7.32
CA LEU B 319 10.51 -8.79 -7.52
C LEU B 319 10.59 -10.30 -7.83
N LEU B 320 9.64 -11.07 -7.29
CA LEU B 320 9.65 -12.54 -7.45
C LEU B 320 8.71 -13.09 -8.53
N ASP B 321 7.99 -12.20 -9.21
CA ASP B 321 7.01 -12.60 -10.24
C ASP B 321 7.72 -13.22 -11.44
N ALA B 330 17.68 -1.54 -6.60
CA ALA B 330 17.09 -1.26 -5.28
C ALA B 330 16.00 -0.21 -5.38
N GLN B 331 14.86 -0.49 -4.74
CA GLN B 331 13.76 0.46 -4.67
C GLN B 331 13.71 1.04 -3.28
N HIS B 332 13.54 2.35 -3.21
CA HIS B 332 13.39 3.05 -1.94
C HIS B 332 12.06 3.73 -1.91
N ILE B 333 11.14 3.17 -1.13
CA ILE B 333 9.75 3.58 -1.12
C ILE B 333 9.48 4.38 0.14
N THR B 334 8.92 5.58 -0.05
CA THR B 334 8.69 6.53 1.06
C THR B 334 7.21 6.64 1.43
N LEU B 335 6.92 6.53 2.73
CA LEU B 335 5.58 6.78 3.24
C LEU B 335 5.69 8.00 4.18
N PRO B 336 5.36 9.20 3.69
CA PRO B 336 5.64 10.43 4.44
C PRO B 336 4.83 10.53 5.73
N PRO B 337 5.50 10.75 6.86
CA PRO B 337 4.74 10.91 8.10
C PRO B 337 3.94 12.20 8.11
N VAL B 338 2.97 12.27 9.03
CA VAL B 338 2.11 13.44 9.16
C VAL B 338 2.24 13.95 10.59
N LEU B 339 2.45 15.26 10.75
CA LEU B 339 2.51 15.88 12.09
C LEU B 339 1.08 16.03 12.61
N GLU B 340 0.81 15.46 13.79
CA GLU B 340 -0.55 15.45 14.35
C GLU B 340 -0.59 16.28 15.60
N PHE B 341 -1.18 17.47 15.49
CA PHE B 341 -1.26 18.39 16.61
C PHE B 341 -2.57 18.21 17.38
N ARG B 342 -2.43 17.98 18.69
CA ARG B 342 -3.57 17.67 19.53
C ARG B 342 -3.50 18.52 20.79
N PRO B 343 -4.53 18.47 21.66
CA PRO B 343 -4.55 19.37 22.83
C PRO B 343 -3.41 19.27 23.88
N SER B 344 -2.52 18.28 23.76
CA SER B 344 -1.35 18.21 24.64
C SER B 344 -0.30 19.26 24.26
N LEU B 345 -0.52 19.90 23.11
CA LEU B 345 0.32 21.04 22.71
C LEU B 345 -0.45 22.36 22.88
N LYS B 346 0.15 23.33 23.57
CA LYS B 346 -0.53 24.58 23.89
C LYS B 346 -1.00 25.24 22.59
N ASN B 347 -2.24 25.76 22.61
CA ASN B 347 -2.86 26.42 21.45
C ASN B 347 -3.32 25.48 20.32
N GLU B 348 -3.37 24.18 20.59
CA GLU B 348 -3.86 23.21 19.60
C GLU B 348 -5.17 22.55 20.01
N GLY C 71 -13.58 -21.05 -17.20
CA GLY C 71 -14.22 -20.12 -18.17
C GLY C 71 -13.57 -18.75 -18.21
N PHE C 72 -14.36 -17.70 -18.05
CA PHE C 72 -13.87 -16.33 -18.08
C PHE C 72 -14.47 -15.42 -17.01
N VAL C 73 -13.78 -14.31 -16.81
CA VAL C 73 -14.21 -13.23 -15.94
C VAL C 73 -14.30 -12.00 -16.84
N GLY C 74 -15.34 -11.19 -16.63
CA GLY C 74 -15.49 -9.96 -17.38
C GLY C 74 -14.81 -8.80 -16.68
N LEU C 75 -14.21 -7.94 -17.48
CA LEU C 75 -13.62 -6.70 -16.97
C LEU C 75 -14.10 -5.55 -17.82
N LEU C 76 -14.72 -4.57 -17.18
CA LEU C 76 -15.17 -3.36 -17.87
C LEU C 76 -14.30 -2.19 -17.50
N LEU C 77 -13.81 -1.48 -18.53
CA LEU C 77 -12.90 -0.36 -18.33
C LEU C 77 -13.40 0.84 -19.12
N PRO C 78 -13.29 2.05 -18.55
CA PRO C 78 -13.66 3.27 -19.29
C PRO C 78 -12.58 3.80 -20.24
N SER C 79 -11.36 3.29 -20.14
CA SER C 79 -10.25 3.80 -20.94
C SER C 79 -9.37 2.65 -21.43
N LEU C 80 -8.88 2.79 -22.66
CA LEU C 80 -7.83 1.91 -23.17
C LEU C 80 -6.48 2.64 -23.27
N ASN C 81 -6.36 3.74 -22.53
CA ASN C 81 -5.18 4.61 -22.57
C ASN C 81 -4.83 5.03 -21.15
N ASN C 82 -4.69 4.04 -20.27
CA ASN C 82 -4.53 4.32 -18.86
C ASN C 82 -3.65 3.28 -18.20
N LEU C 83 -2.49 3.73 -17.72
CA LEU C 83 -1.51 2.85 -17.08
C LEU C 83 -2.14 2.04 -15.95
N HIS C 84 -2.99 2.68 -15.14
CA HIS C 84 -3.57 1.97 -14.01
C HIS C 84 -4.37 0.78 -14.46
N PHE C 85 -5.20 0.99 -15.48
CA PHE C 85 -6.08 -0.11 -15.94
C PHE C 85 -5.27 -1.17 -16.64
N ALA C 86 -4.24 -0.74 -17.37
CA ALA C 86 -3.33 -1.65 -18.04
C ALA C 86 -2.68 -2.60 -17.04
N GLN C 87 -2.09 -2.03 -15.97
CA GLN C 87 -1.41 -2.83 -14.97
C GLN C 87 -2.39 -3.67 -14.14
N THR C 88 -3.57 -3.12 -13.88
CA THR C 88 -4.64 -3.88 -13.23
C THR C 88 -4.93 -5.14 -14.05
N ALA C 89 -5.18 -4.94 -15.34
CA ALA C 89 -5.49 -6.06 -16.24
C ALA C 89 -4.35 -7.07 -16.35
N GLN C 90 -3.11 -6.60 -16.33
CA GLN C 90 -1.94 -7.46 -16.39
C GLN C 90 -1.86 -8.42 -15.19
N SER C 91 -1.98 -7.89 -13.98
CA SER C 91 -1.86 -8.73 -12.79
C SER C 91 -3.11 -9.57 -12.61
N LEU C 92 -4.27 -9.00 -12.92
CA LEU C 92 -5.53 -9.74 -12.89
C LEU C 92 -5.45 -10.91 -13.85
N THR C 93 -4.93 -10.67 -15.06
CA THR C 93 -4.74 -11.73 -16.07
C THR C 93 -3.89 -12.86 -15.50
N ASP C 94 -2.75 -12.52 -14.92
CA ASP C 94 -1.81 -13.51 -14.43
C ASP C 94 -2.36 -14.35 -13.29
N VAL C 95 -3.07 -13.70 -12.38
CA VAL C 95 -3.65 -14.38 -11.24
C VAL C 95 -4.74 -15.31 -11.73
N LEU C 96 -5.61 -14.82 -12.60
CA LEU C 96 -6.72 -15.65 -13.07
C LEU C 96 -6.23 -16.83 -13.92
N GLU C 97 -5.17 -16.61 -14.70
CA GLU C 97 -4.59 -17.69 -15.52
C GLU C 97 -4.11 -18.84 -14.65
N GLN C 98 -3.55 -18.52 -13.48
CA GLN C 98 -3.19 -19.51 -12.48
C GLN C 98 -4.38 -20.42 -12.16
N GLY C 99 -5.58 -19.84 -12.12
CA GLY C 99 -6.82 -20.58 -11.86
C GLY C 99 -7.55 -21.05 -13.10
N GLY C 100 -6.89 -21.00 -14.25
CA GLY C 100 -7.46 -21.49 -15.50
C GLY C 100 -8.59 -20.62 -16.06
N LEU C 101 -8.59 -19.34 -15.70
CA LEU C 101 -9.60 -18.40 -16.15
C LEU C 101 -9.00 -17.33 -17.07
N GLN C 102 -9.76 -16.94 -18.08
CA GLN C 102 -9.35 -15.88 -18.99
C GLN C 102 -10.12 -14.61 -18.70
N LEU C 103 -9.60 -13.49 -19.21
CA LEU C 103 -10.26 -12.22 -19.11
C LEU C 103 -10.92 -11.85 -20.43
N LEU C 104 -12.17 -11.40 -20.38
CA LEU C 104 -12.83 -10.79 -21.53
C LEU C 104 -13.11 -9.34 -21.20
N LEU C 105 -12.70 -8.42 -22.07
CA LEU C 105 -12.82 -7.00 -21.77
C LEU C 105 -13.91 -6.31 -22.55
N GLY C 106 -14.55 -5.35 -21.90
CA GLY C 106 -15.48 -4.46 -22.58
C GLY C 106 -15.02 -3.04 -22.35
N TYR C 107 -15.06 -2.23 -23.40
CA TYR C 107 -14.60 -0.85 -23.32
C TYR C 107 -15.81 0.08 -23.31
N THR C 108 -16.01 0.82 -22.22
CA THR C 108 -17.22 1.65 -22.06
C THR C 108 -17.09 3.07 -22.62
N ALA C 109 -15.85 3.56 -22.74
CA ALA C 109 -15.55 4.97 -23.06
C ALA C 109 -16.31 5.96 -22.17
N TYR C 110 -16.41 5.64 -20.87
CA TYR C 110 -17.05 6.49 -19.86
C TYR C 110 -18.56 6.69 -20.05
N SER C 111 -19.17 5.86 -20.90
CA SER C 111 -20.61 5.91 -21.12
C SER C 111 -21.30 4.90 -20.19
N PRO C 112 -22.09 5.38 -19.21
CA PRO C 112 -22.85 4.45 -18.38
C PRO C 112 -23.83 3.61 -19.21
N GLU C 113 -24.28 4.14 -20.35
CA GLU C 113 -25.19 3.41 -21.23
C GLU C 113 -24.46 2.28 -21.94
N ARG C 114 -23.24 2.55 -22.42
CA ARG C 114 -22.45 1.48 -23.00
C ARG C 114 -22.08 0.43 -21.95
N GLU C 115 -21.75 0.87 -20.75
CA GLU C 115 -21.46 -0.06 -19.67
C GLU C 115 -22.66 -1.02 -19.48
N GLU C 116 -23.86 -0.48 -19.44
CA GLU C 116 -25.07 -1.29 -19.32
C GLU C 116 -25.22 -2.30 -20.45
N GLN C 117 -25.01 -1.85 -21.69
CA GLN C 117 -25.14 -2.71 -22.85
C GLN C 117 -24.11 -3.86 -22.82
N LEU C 118 -22.90 -3.54 -22.39
CA LEU C 118 -21.83 -4.53 -22.27
C LEU C 118 -22.07 -5.51 -21.14
N VAL C 119 -22.62 -5.01 -20.03
CA VAL C 119 -22.98 -5.88 -18.89
C VAL C 119 -24.01 -6.93 -19.32
N GLU C 120 -25.05 -6.51 -20.04
CA GLU C 120 -26.07 -7.46 -20.50
C GLU C 120 -25.49 -8.52 -21.43
N THR C 121 -24.64 -8.07 -22.35
CA THR C 121 -23.98 -8.95 -23.32
C THR C 121 -23.09 -10.00 -22.65
N MET C 122 -22.23 -9.54 -21.74
CA MET C 122 -21.38 -10.45 -20.99
C MET C 122 -22.16 -11.41 -20.09
N LEU C 123 -23.08 -10.88 -19.30
CA LEU C 123 -23.87 -11.72 -18.37
C LEU C 123 -24.56 -12.88 -19.08
N ARG C 124 -25.00 -12.62 -20.31
CA ARG C 124 -25.65 -13.65 -21.12
C ARG C 124 -24.73 -14.85 -21.35
N ARG C 125 -23.43 -14.58 -21.45
CA ARG C 125 -22.41 -15.63 -21.66
C ARG C 125 -21.91 -16.29 -20.37
N ARG C 126 -22.56 -15.93 -19.26
CA ARG C 126 -22.32 -16.54 -17.95
C ARG C 126 -20.84 -16.49 -17.53
N PRO C 127 -20.34 -15.28 -17.26
CA PRO C 127 -18.97 -15.16 -16.74
C PRO C 127 -18.95 -15.71 -15.33
N GLU C 128 -17.78 -16.12 -14.86
CA GLU C 128 -17.66 -16.65 -13.51
C GLU C 128 -17.62 -15.53 -12.46
N ALA C 129 -17.17 -14.35 -12.88
CA ALA C 129 -17.27 -13.14 -12.07
C ALA C 129 -17.27 -11.93 -13.01
N MET C 130 -17.67 -10.78 -12.47
CA MET C 130 -17.59 -9.52 -13.20
C MET C 130 -16.83 -8.47 -12.40
N VAL C 131 -15.94 -7.77 -13.08
CA VAL C 131 -15.13 -6.72 -12.45
C VAL C 131 -15.42 -5.44 -13.20
N LEU C 132 -15.78 -4.39 -12.47
CA LEU C 132 -16.11 -3.10 -13.10
C LEU C 132 -15.31 -1.97 -12.49
N SER C 133 -14.59 -1.23 -13.33
CA SER C 133 -13.92 -0.01 -12.88
C SER C 133 -15.01 1.01 -12.61
N TYR C 134 -15.02 1.54 -11.39
CA TYR C 134 -16.15 2.33 -10.96
C TYR C 134 -16.05 3.79 -11.38
N ASP C 135 -17.03 4.23 -12.17
CA ASP C 135 -17.21 5.66 -12.46
C ASP C 135 -18.70 6.00 -12.56
N GLY C 136 -19.51 5.30 -11.76
CA GLY C 136 -20.97 5.45 -11.80
C GLY C 136 -21.66 4.45 -12.73
N HIS C 137 -22.88 4.05 -12.36
CA HIS C 137 -23.67 3.11 -13.16
C HIS C 137 -25.09 3.65 -13.37
N THR C 138 -25.73 3.16 -14.43
CA THR C 138 -27.19 3.33 -14.54
C THR C 138 -27.87 2.45 -13.50
N GLU C 139 -29.13 2.80 -13.19
CA GLU C 139 -29.91 2.02 -12.26
C GLU C 139 -30.08 0.58 -12.76
N GLN C 140 -30.25 0.41 -14.07
CA GLN C 140 -30.42 -0.91 -14.67
C GLN C 140 -29.16 -1.78 -14.65
N THR C 141 -27.99 -1.16 -14.80
CA THR C 141 -26.72 -1.88 -14.62
C THR C 141 -26.67 -2.45 -13.19
N ILE C 142 -27.01 -1.60 -12.23
CA ILE C 142 -27.01 -2.00 -10.83
C ILE C 142 -27.93 -3.22 -10.64
N ARG C 143 -29.16 -3.12 -11.14
CA ARG C 143 -30.12 -4.23 -11.04
C ARG C 143 -29.59 -5.53 -11.65
N LEU C 144 -29.10 -5.45 -12.89
CA LEU C 144 -28.54 -6.62 -13.60
C LEU C 144 -27.38 -7.30 -12.85
N LEU C 145 -26.49 -6.51 -12.27
CA LEU C 145 -25.39 -7.08 -11.50
C LEU C 145 -25.81 -7.66 -10.15
N GLN C 146 -26.78 -7.04 -9.49
CA GLN C 146 -27.29 -7.57 -8.21
C GLN C 146 -27.93 -8.94 -8.40
N ARG C 147 -28.52 -9.15 -9.57
CA ARG C 147 -29.32 -10.35 -9.86
C ARG C 147 -28.50 -11.46 -10.52
N ALA C 148 -27.22 -11.20 -10.76
CA ALA C 148 -26.38 -12.11 -11.56
C ALA C 148 -25.99 -13.43 -10.90
N SER C 149 -26.02 -13.48 -9.57
CA SER C 149 -25.61 -14.69 -8.80
C SER C 149 -24.16 -15.13 -9.02
N ILE C 150 -23.28 -14.14 -9.24
CA ILE C 150 -21.83 -14.38 -9.37
C ILE C 150 -21.12 -13.27 -8.59
N PRO C 151 -19.84 -13.47 -8.25
CA PRO C 151 -19.10 -12.38 -7.59
C PRO C 151 -19.06 -11.13 -8.47
N ILE C 152 -19.44 -10.00 -7.88
CA ILE C 152 -19.32 -8.70 -8.54
C ILE C 152 -18.25 -7.91 -7.79
N VAL C 153 -17.23 -7.43 -8.50
CA VAL C 153 -16.19 -6.62 -7.87
C VAL C 153 -16.10 -5.25 -8.54
N GLU C 154 -16.29 -4.20 -7.76
CA GLU C 154 -16.10 -2.83 -8.24
C GLU C 154 -14.75 -2.35 -7.78
N ILE C 155 -13.98 -1.82 -8.70
CA ILE C 155 -12.59 -1.50 -8.40
C ILE C 155 -12.26 -0.03 -8.62
N TRP C 156 -11.18 0.41 -7.98
CA TRP C 156 -10.54 1.74 -8.16
C TRP C 156 -11.21 2.87 -7.42
N GLU C 157 -12.26 2.53 -6.70
CA GLU C 157 -12.96 3.50 -5.88
C GLU C 157 -13.77 2.71 -4.88
N LYS C 158 -14.07 3.35 -3.76
CA LYS C 158 -15.04 2.80 -2.82
C LYS C 158 -16.37 3.49 -3.06
N PRO C 159 -17.29 2.83 -3.80
CA PRO C 159 -18.60 3.42 -4.10
C PRO C 159 -19.39 3.63 -2.82
N ALA C 160 -20.28 4.63 -2.84
CA ALA C 160 -21.17 4.90 -1.71
C ALA C 160 -22.08 3.70 -1.43
N HIS C 161 -22.55 3.06 -2.51
CA HIS C 161 -23.42 1.89 -2.42
C HIS C 161 -22.89 0.75 -3.29
N PRO C 162 -21.89 0.00 -2.78
CA PRO C 162 -21.25 -1.08 -3.56
C PRO C 162 -22.24 -2.21 -3.87
N ILE C 163 -22.15 -2.76 -5.09
CA ILE C 163 -23.04 -3.85 -5.51
C ILE C 163 -22.70 -5.17 -4.82
N GLY C 164 -21.40 -5.47 -4.76
CA GLY C 164 -20.91 -6.67 -4.11
C GLY C 164 -19.62 -6.31 -3.39
N HIS C 165 -18.52 -6.87 -3.87
CA HIS C 165 -17.20 -6.65 -3.29
C HIS C 165 -16.56 -5.39 -3.87
N THR C 166 -15.59 -4.85 -3.15
CA THR C 166 -14.80 -3.73 -3.70
C THR C 166 -13.30 -3.93 -3.47
N VAL C 167 -12.50 -3.45 -4.41
CA VAL C 167 -11.05 -3.40 -4.24
C VAL C 167 -10.61 -2.01 -4.70
N GLY C 168 -10.15 -1.18 -3.77
CA GLY C 168 -9.73 0.18 -4.15
C GLY C 168 -9.54 1.05 -2.93
N PHE C 169 -9.96 2.31 -3.03
CA PHE C 169 -9.78 3.29 -1.95
C PHE C 169 -10.76 4.43 -2.19
N SER C 170 -10.98 5.23 -1.14
CA SER C 170 -11.81 6.41 -1.26
C SER C 170 -11.09 7.53 -2.01
N ASN C 171 -11.59 7.89 -3.17
CA ASN C 171 -11.02 9.01 -3.91
C ASN C 171 -11.22 10.35 -3.22
N GLU C 172 -12.37 10.48 -2.55
CA GLU C 172 -12.65 11.67 -1.76
C GLU C 172 -11.60 11.83 -0.65
N ARG C 173 -11.37 10.74 0.09
CA ARG C 173 -10.43 10.79 1.18
C ARG C 173 -8.98 11.06 0.72
N ALA C 174 -8.62 10.46 -0.42
CA ALA C 174 -7.27 10.70 -0.96
C ALA C 174 -7.03 12.18 -1.32
N ALA C 175 -8.03 12.83 -1.94
CA ALA C 175 -7.87 14.23 -2.31
C ALA C 175 -7.92 15.13 -1.09
N TYR C 176 -8.77 14.76 -0.13
CA TYR C 176 -8.85 15.43 1.16
C TYR C 176 -7.48 15.40 1.85
N ASP C 177 -6.87 14.21 1.91
CA ASP C 177 -5.56 14.03 2.55
C ASP C 177 -4.44 14.81 1.85
N MET C 178 -4.39 14.76 0.52
CA MET C 178 -3.38 15.57 -0.20
C MET C 178 -3.61 17.05 0.04
N THR C 179 -4.86 17.50 -0.01
CA THR C 179 -5.14 18.94 0.23
C THR C 179 -4.68 19.37 1.63
N ASN C 180 -4.96 18.54 2.63
CA ASN C 180 -4.46 18.81 3.99
C ASN C 180 -2.93 18.82 4.09
N ALA C 181 -2.28 17.94 3.34
CA ALA C 181 -0.81 17.93 3.32
C ALA C 181 -0.27 19.23 2.74
N LEU C 182 -0.94 19.76 1.70
CA LEU C 182 -0.51 21.03 1.12
C LEU C 182 -0.76 22.21 2.09
N LEU C 183 -1.93 22.24 2.72
CA LEU C 183 -2.21 23.21 3.77
C LEU C 183 -1.18 23.15 4.90
N ALA C 184 -0.80 21.95 5.32
CA ALA C 184 0.20 21.79 6.40
C ALA C 184 1.57 22.35 6.00
N ARG C 185 1.84 22.37 4.71
CA ARG C 185 3.10 22.85 4.15
C ARG C 185 3.10 24.35 3.86
N GLY C 186 2.01 25.03 4.22
CA GLY C 186 1.97 26.49 4.20
C GLY C 186 1.47 27.13 2.93
N PHE C 187 0.99 26.33 1.99
CA PHE C 187 0.41 26.89 0.76
C PHE C 187 -0.86 27.68 1.06
N ARG C 188 -0.94 28.89 0.50
CA ARG C 188 -1.89 29.93 0.90
C ARG C 188 -3.02 30.17 -0.10
N LYS C 189 -2.84 29.68 -1.31
CA LYS C 189 -3.87 29.81 -2.34
C LYS C 189 -3.81 28.61 -3.29
N ILE C 190 -4.38 27.51 -2.81
CA ILE C 190 -4.45 26.27 -3.55
C ILE C 190 -5.70 26.26 -4.43
N VAL C 191 -5.51 25.93 -5.71
CA VAL C 191 -6.60 25.84 -6.68
C VAL C 191 -6.71 24.41 -7.19
N PHE C 192 -7.93 23.88 -7.21
CA PHE C 192 -8.17 22.53 -7.77
C PHE C 192 -8.54 22.63 -9.24
N LEU C 193 -7.93 21.76 -10.06
CA LEU C 193 -8.22 21.70 -11.51
C LEU C 193 -8.91 20.38 -11.84
N GLY C 194 -10.16 20.46 -12.27
CA GLY C 194 -10.96 19.27 -12.47
C GLY C 194 -11.81 19.33 -13.72
N GLU C 195 -12.76 18.40 -13.80
CA GLU C 195 -13.55 18.13 -15.02
C GLU C 195 -14.98 18.68 -14.95
N LYS C 196 -15.47 19.16 -16.08
CA LYS C 196 -16.91 19.43 -16.24
C LYS C 196 -17.60 18.11 -16.52
N ASP C 197 -18.91 18.07 -16.27
CA ASP C 197 -19.73 16.90 -16.62
C ASP C 197 -19.09 15.61 -16.12
N ASP C 198 -18.81 15.60 -14.82
CA ASP C 198 -18.10 14.50 -14.17
C ASP C 198 -18.95 13.83 -13.08
N ASP C 199 -20.27 14.00 -13.14
CA ASP C 199 -21.14 13.44 -12.12
C ASP C 199 -20.87 11.96 -11.93
N TRP C 200 -20.79 11.55 -10.67
CA TRP C 200 -20.66 10.14 -10.25
C TRP C 200 -19.32 9.51 -10.56
N THR C 201 -18.36 10.29 -11.04
CA THR C 201 -17.07 9.74 -11.44
C THR C 201 -16.04 9.91 -10.31
N ARG C 202 -14.90 9.24 -10.47
CA ARG C 202 -13.83 9.36 -9.48
C ARG C 202 -13.30 10.80 -9.37
N GLY C 203 -13.27 11.52 -10.49
CA GLY C 203 -12.87 12.94 -10.48
C GLY C 203 -13.77 13.81 -9.62
N ALA C 204 -15.09 13.57 -9.67
CA ALA C 204 -16.05 14.30 -8.83
C ALA C 204 -15.75 14.05 -7.35
N ALA C 205 -15.35 12.82 -7.03
CA ALA C 205 -14.98 12.48 -5.66
C ALA C 205 -13.74 13.23 -5.21
N ARG C 206 -12.75 13.34 -6.10
CA ARG C 206 -11.53 14.08 -5.75
C ARG C 206 -11.85 15.55 -5.51
N ARG C 207 -12.69 16.15 -6.36
CA ARG C 207 -13.13 17.52 -6.15
C ARG C 207 -13.77 17.70 -4.77
N ALA C 208 -14.63 16.75 -4.41
CA ALA C 208 -15.35 16.81 -3.15
C ALA C 208 -14.38 16.75 -1.96
N GLY C 209 -13.31 15.97 -2.12
CA GLY C 209 -12.33 15.81 -1.05
C GLY C 209 -11.54 17.11 -0.85
N PHE C 210 -11.15 17.73 -1.96
CA PHE C 210 -10.52 19.05 -1.92
C PHE C 210 -11.44 20.04 -1.21
N LYS C 211 -12.71 20.05 -1.61
CA LYS C 211 -13.68 21.02 -1.11
C LYS C 211 -13.88 20.83 0.40
N ARG C 212 -13.97 19.58 0.83
CA ARG C 212 -14.08 19.31 2.27
C ARG C 212 -12.87 19.80 3.07
N ALA C 213 -11.65 19.56 2.55
CA ALA C 213 -10.44 20.07 3.19
C ALA C 213 -10.47 21.59 3.29
N MET C 214 -10.92 22.25 2.23
CA MET C 214 -10.89 23.70 2.20
C MET C 214 -11.92 24.28 3.17
N ARG C 215 -13.12 23.70 3.17
CA ARG C 215 -14.19 24.10 4.08
C ARG C 215 -13.73 23.98 5.52
N GLU C 216 -13.14 22.83 5.86
CA GLU C 216 -12.68 22.60 7.24
C GLU C 216 -11.60 23.58 7.67
N ALA C 217 -10.84 24.10 6.70
CA ALA C 217 -9.75 25.04 6.94
C ALA C 217 -10.22 26.50 7.01
N GLY C 218 -11.52 26.72 6.76
CA GLY C 218 -12.07 28.08 6.72
C GLY C 218 -11.68 28.82 5.46
N LEU C 219 -11.45 28.06 4.39
CA LEU C 219 -11.12 28.61 3.07
C LEU C 219 -12.24 28.36 2.06
N ASN C 220 -12.10 28.89 0.85
CA ASN C 220 -13.17 28.77 -0.12
C ASN C 220 -13.08 27.51 -0.95
N PRO C 221 -14.12 26.66 -0.87
CA PRO C 221 -14.14 25.40 -1.61
C PRO C 221 -14.38 25.67 -3.10
N ASP C 222 -14.70 26.93 -3.40
CA ASP C 222 -14.92 27.48 -4.74
C ASP C 222 -13.67 27.65 -5.58
N GLN C 223 -12.52 27.52 -4.93
CA GLN C 223 -11.26 27.84 -5.54
C GLN C 223 -10.88 26.69 -6.45
N GLU C 224 -11.54 26.63 -7.59
CA GLU C 224 -11.37 25.51 -8.51
C GLU C 224 -11.67 25.98 -9.93
N ILE C 225 -11.13 25.24 -10.90
CA ILE C 225 -11.38 25.49 -12.32
C ILE C 225 -11.81 24.16 -12.93
N ARG C 226 -12.86 24.18 -13.74
CA ARG C 226 -13.38 22.95 -14.37
C ARG C 226 -13.40 23.13 -15.87
N LEU C 227 -12.90 22.15 -16.61
CA LEU C 227 -12.99 22.16 -18.08
C LEU C 227 -12.95 20.75 -18.64
N GLY C 228 -13.04 20.62 -19.96
CA GLY C 228 -13.01 19.31 -20.60
C GLY C 228 -14.05 18.34 -20.07
N ALA C 229 -13.68 17.06 -20.05
CA ALA C 229 -14.59 15.98 -19.65
C ALA C 229 -13.72 14.86 -19.12
N PRO C 230 -14.29 13.97 -18.29
CA PRO C 230 -13.51 12.79 -17.89
C PRO C 230 -13.09 11.98 -19.11
N PRO C 231 -11.80 11.59 -19.19
CA PRO C 231 -10.71 11.99 -18.29
C PRO C 231 -10.01 13.26 -18.78
N LEU C 232 -9.73 14.19 -17.88
CA LEU C 232 -8.99 15.40 -18.25
C LEU C 232 -7.65 15.02 -18.89
N SER C 233 -7.28 15.72 -19.96
CA SER C 233 -6.08 15.39 -20.76
C SER C 233 -4.91 16.36 -20.58
N ILE C 234 -3.75 16.01 -21.14
CA ILE C 234 -2.59 16.91 -21.12
C ILE C 234 -2.95 18.25 -21.76
N GLU C 235 -3.60 18.18 -22.93
CA GLU C 235 -4.03 19.36 -23.65
C GLU C 235 -4.97 20.26 -22.82
N ASP C 236 -5.86 19.63 -22.03
CA ASP C 236 -6.72 20.38 -21.11
C ASP C 236 -5.91 21.14 -20.07
N GLY C 237 -4.86 20.50 -19.56
CA GLY C 237 -3.95 21.16 -18.64
C GLY C 237 -3.29 22.39 -19.23
N VAL C 238 -2.88 22.29 -20.49
CA VAL C 238 -2.33 23.43 -21.19
C VAL C 238 -3.32 24.59 -21.22
N ALA C 239 -4.57 24.29 -21.58
CA ALA C 239 -5.63 25.29 -21.65
C ALA C 239 -5.94 25.87 -20.28
N ALA C 240 -5.73 25.08 -19.24
CA ALA C 240 -6.10 25.50 -17.89
C ALA C 240 -5.19 26.56 -17.29
N ALA C 241 -3.94 26.61 -17.75
CA ALA C 241 -2.92 27.46 -17.13
C ALA C 241 -3.35 28.93 -17.07
N GLU C 242 -3.75 29.45 -18.23
CA GLU C 242 -4.15 30.84 -18.37
C GLU C 242 -5.40 31.13 -17.58
N LEU C 243 -6.34 30.18 -17.61
CA LEU C 243 -7.61 30.35 -16.92
C LEU C 243 -7.45 30.38 -15.41
N ILE C 244 -6.61 29.49 -14.87
CA ILE C 244 -6.38 29.51 -13.42
C ILE C 244 -5.74 30.83 -12.98
N LEU C 245 -4.71 31.27 -13.70
CA LEU C 245 -4.02 32.51 -13.33
C LEU C 245 -4.90 33.76 -13.52
N GLN C 246 -5.85 33.71 -14.45
CA GLN C 246 -6.83 34.78 -14.61
C GLN C 246 -7.77 34.83 -13.40
N GLU C 247 -8.22 33.66 -12.97
CA GLU C 247 -9.25 33.57 -11.92
C GLU C 247 -8.69 33.77 -10.51
N TYR C 248 -7.46 33.31 -10.31
CA TYR C 248 -6.79 33.37 -9.00
C TYR C 248 -5.34 33.72 -9.26
N PRO C 249 -5.07 35.02 -9.51
CA PRO C 249 -3.72 35.50 -9.86
C PRO C 249 -2.63 35.12 -8.86
N ASP C 250 -3.00 34.99 -7.59
CA ASP C 250 -2.03 34.76 -6.53
C ASP C 250 -1.87 33.30 -6.15
N THR C 251 -2.36 32.40 -6.99
CA THR C 251 -2.26 30.96 -6.74
C THR C 251 -0.81 30.60 -6.49
N ASP C 252 -0.58 29.79 -5.44
CA ASP C 252 0.77 29.32 -5.16
C ASP C 252 0.88 27.80 -5.31
N CYS C 253 -0.25 27.15 -5.59
CA CYS C 253 -0.28 25.70 -5.75
C CYS C 253 -1.53 25.29 -6.51
N ILE C 254 -1.36 24.47 -7.55
CA ILE C 254 -2.49 23.89 -8.27
C ILE C 254 -2.51 22.38 -8.13
N PHE C 255 -3.62 21.87 -7.60
CA PHE C 255 -3.83 20.45 -7.41
C PHE C 255 -4.77 19.94 -8.52
N CYS C 256 -4.25 19.07 -9.37
CA CYS C 256 -4.99 18.62 -10.57
C CYS C 256 -5.60 17.25 -10.34
N VAL C 257 -6.73 17.00 -11.01
CA VAL C 257 -7.47 15.75 -10.86
C VAL C 257 -6.66 14.51 -11.27
N SER C 258 -5.64 14.70 -12.11
CA SER C 258 -4.66 13.63 -12.38
C SER C 258 -3.38 14.23 -12.93
N ASP C 259 -2.37 13.38 -13.06
CA ASP C 259 -1.06 13.83 -13.57
C ASP C 259 -1.11 14.33 -15.02
N MET C 260 -2.09 13.88 -15.79
CA MET C 260 -2.11 14.24 -17.21
C MET C 260 -2.28 15.76 -17.38
N PRO C 261 -3.39 16.35 -16.86
CA PRO C 261 -3.47 17.81 -16.93
C PRO C 261 -2.34 18.51 -16.16
N ALA C 262 -1.87 17.90 -15.07
CA ALA C 262 -0.73 18.48 -14.38
C ALA C 262 0.49 18.64 -15.30
N PHE C 263 0.78 17.62 -16.11
CA PHE C 263 1.91 17.71 -17.03
C PHE C 263 1.71 18.82 -18.06
N GLY C 264 0.50 18.86 -18.63
CA GLY C 264 0.13 19.93 -19.56
C GLY C 264 0.23 21.32 -18.94
N LEU C 265 -0.33 21.44 -17.73
CA LEU C 265 -0.26 22.68 -16.98
C LEU C 265 1.19 23.12 -16.78
N LEU C 266 2.05 22.19 -16.35
CA LEU C 266 3.49 22.47 -16.18
C LEU C 266 4.13 22.94 -17.49
N SER C 267 3.82 22.22 -18.57
CA SER C 267 4.32 22.54 -19.90
C SER C 267 4.03 23.99 -20.27
N ARG C 268 2.79 24.43 -20.03
CA ARG C 268 2.37 25.78 -20.41
C ARG C 268 2.91 26.86 -19.47
N LEU C 269 2.91 26.57 -18.18
CA LEU C 269 3.50 27.48 -17.21
C LEU C 269 4.97 27.76 -17.54
N LYS C 270 5.73 26.71 -17.87
CA LYS C 270 7.12 26.87 -18.31
C LYS C 270 7.21 27.74 -19.56
N SER C 271 6.30 27.49 -20.50
CA SER C 271 6.28 28.18 -21.79
C SER C 271 5.99 29.67 -21.64
N ILE C 272 5.15 30.02 -20.67
CA ILE C 272 4.84 31.44 -20.42
C ILE C 272 5.73 32.10 -19.36
N GLY C 273 6.66 31.36 -18.78
CA GLY C 273 7.63 31.96 -17.86
C GLY C 273 7.25 32.03 -16.39
N VAL C 274 6.25 31.25 -16.00
CA VAL C 274 5.85 31.14 -14.60
C VAL C 274 6.71 30.06 -13.97
N ALA C 275 7.43 30.42 -12.91
CA ALA C 275 8.38 29.51 -12.27
C ALA C 275 7.64 28.48 -11.43
N VAL C 276 7.94 27.21 -11.68
CA VAL C 276 7.41 26.10 -10.89
C VAL C 276 8.61 25.44 -10.24
N PRO C 277 8.60 25.31 -8.90
CA PRO C 277 7.53 25.66 -7.95
C PRO C 277 7.64 27.03 -7.30
N GLU C 278 8.63 27.83 -7.70
CA GLU C 278 8.92 29.06 -6.97
C GLU C 278 7.75 30.05 -6.92
N GLN C 279 7.00 30.17 -8.01
CA GLN C 279 5.77 30.95 -8.00
C GLN C 279 4.55 30.05 -7.76
N VAL C 280 4.44 29.00 -8.57
CA VAL C 280 3.28 28.12 -8.52
C VAL C 280 3.76 26.68 -8.46
N SER C 281 3.34 25.98 -7.41
CA SER C 281 3.57 24.54 -7.31
C SER C 281 2.51 23.77 -8.09
N VAL C 282 2.86 22.57 -8.53
CA VAL C 282 1.96 21.72 -9.29
C VAL C 282 1.91 20.34 -8.65
N VAL C 283 0.71 19.84 -8.41
CA VAL C 283 0.49 18.51 -7.84
C VAL C 283 -0.58 17.82 -8.67
N GLY C 284 -0.36 16.54 -8.96
CA GLY C 284 -1.35 15.72 -9.69
C GLY C 284 -1.89 14.58 -8.86
N PHE C 285 -2.27 13.50 -9.54
CA PHE C 285 -2.83 12.32 -8.86
C PHE C 285 -2.57 11.14 -9.76
N GLY C 286 -2.09 10.04 -9.19
CA GLY C 286 -2.02 8.77 -9.91
C GLY C 286 -0.64 8.21 -10.20
N ASN C 287 0.40 9.04 -10.10
CA ASN C 287 1.75 8.59 -10.40
C ASN C 287 1.82 7.95 -11.78
N PHE C 288 1.27 8.65 -12.75
CA PHE C 288 1.38 8.21 -14.13
C PHE C 288 2.81 8.42 -14.61
N GLU C 289 3.19 7.75 -15.71
CA GLU C 289 4.60 7.73 -16.08
CA GLU C 289 4.58 7.73 -16.17
C GLU C 289 5.17 9.13 -16.35
N VAL C 290 4.40 10.01 -17.00
CA VAL C 290 4.85 11.40 -17.24
C VAL C 290 5.25 12.17 -15.98
N SER C 291 4.58 11.91 -14.85
CA SER C 291 4.90 12.64 -13.61
C SER C 291 6.34 12.41 -13.14
N ARG C 292 6.88 11.26 -13.50
CA ARG C 292 8.18 10.82 -13.01
C ARG C 292 9.33 11.40 -13.83
N PHE C 293 9.02 11.92 -15.02
CA PHE C 293 10.09 12.29 -15.97
C PHE C 293 9.96 13.71 -16.48
N ALA C 294 8.93 14.41 -16.01
CA ALA C 294 8.80 15.85 -16.23
C ALA C 294 9.91 16.57 -15.47
N SER C 295 10.13 17.84 -15.80
CA SER C 295 11.10 18.67 -15.09
C SER C 295 10.42 19.97 -14.68
N PRO C 296 10.24 20.17 -13.38
CA PRO C 296 10.55 19.25 -12.27
C PRO C 296 9.57 18.07 -12.23
N GLU C 297 9.96 16.99 -11.55
CA GLU C 297 9.07 15.83 -11.41
C GLU C 297 7.83 16.25 -10.64
N ILE C 298 6.68 15.69 -11.02
CA ILE C 298 5.40 16.18 -10.51
C ILE C 298 4.96 15.42 -9.27
N SER C 299 4.81 16.15 -8.17
CA SER C 299 4.23 15.58 -6.94
C SER C 299 2.89 14.98 -7.25
N THR C 300 2.56 13.88 -6.59
CA THR C 300 1.36 13.13 -6.98
C THR C 300 0.87 12.24 -5.86
N VAL C 301 -0.17 11.48 -6.14
CA VAL C 301 -0.73 10.52 -5.18
C VAL C 301 -0.50 9.15 -5.81
N ARG C 302 0.30 8.34 -5.11
CA ARG C 302 0.76 7.08 -5.67
C ARG C 302 -0.25 5.99 -5.33
N VAL C 303 -0.59 5.19 -6.32
CA VAL C 303 -1.50 4.06 -6.13
C VAL C 303 -0.70 2.80 -6.51
N ASP C 304 -1.31 1.64 -6.34
CA ASP C 304 -0.61 0.40 -6.63
C ASP C 304 -1.48 -0.43 -7.57
N PRO C 305 -1.46 -0.11 -8.88
CA PRO C 305 -2.39 -0.80 -9.79
C PRO C 305 -2.17 -2.30 -9.89
N ILE C 306 -0.91 -2.72 -9.82
CA ILE C 306 -0.62 -4.16 -9.80
C ILE C 306 -1.34 -4.79 -8.59
N ALA C 307 -1.27 -4.14 -7.43
CA ALA C 307 -1.98 -4.66 -6.27
C ALA C 307 -3.50 -4.71 -6.47
N ILE C 308 -4.05 -3.71 -7.15
CA ILE C 308 -5.49 -3.71 -7.39
C ILE C 308 -5.84 -4.97 -8.18
N GLY C 309 -5.07 -5.27 -9.22
CA GLY C 309 -5.36 -6.45 -10.07
C GLY C 309 -5.10 -7.77 -9.35
N ARG C 310 -4.04 -7.77 -8.54
CA ARG C 310 -3.64 -8.95 -7.77
C ARG C 310 -4.70 -9.29 -6.73
N GLU C 311 -5.14 -8.28 -5.99
CA GLU C 311 -6.12 -8.45 -4.95
C GLU C 311 -7.47 -8.85 -5.54
N THR C 312 -7.81 -8.28 -6.70
CA THR C 312 -9.08 -8.61 -7.34
C THR C 312 -9.06 -10.08 -7.82
N GLY C 313 -7.99 -10.48 -8.50
CA GLY C 313 -7.84 -11.85 -8.98
C GLY C 313 -7.84 -12.84 -7.83
N SER C 314 -7.11 -12.50 -6.78
CA SER C 314 -7.02 -13.38 -5.60
C SER C 314 -8.36 -13.55 -4.92
N LEU C 315 -9.09 -12.44 -4.76
CA LEU C 315 -10.43 -12.47 -4.19
C LEU C 315 -11.33 -13.40 -5.01
N ILE C 316 -11.38 -13.18 -6.32
CA ILE C 316 -12.22 -14.01 -7.19
C ILE C 316 -11.92 -15.50 -7.00
N LEU C 317 -10.66 -15.89 -7.07
CA LEU C 317 -10.30 -17.29 -6.90
C LEU C 317 -10.72 -17.82 -5.53
N ARG C 318 -10.56 -17.02 -4.48
CA ARG C 318 -11.03 -17.44 -3.15
C ARG C 318 -12.54 -17.69 -3.17
N LEU C 319 -13.29 -16.75 -3.75
CA LEU C 319 -14.75 -16.85 -3.76
C LEU C 319 -15.25 -18.04 -4.57
N LEU C 320 -14.51 -18.43 -5.60
CA LEU C 320 -14.93 -19.52 -6.49
C LEU C 320 -14.42 -20.90 -6.04
N ASP C 321 -13.66 -20.93 -4.96
CA ASP C 321 -13.10 -22.17 -4.40
C ASP C 321 -14.20 -23.09 -3.86
N ALA C 330 -20.00 -9.61 1.35
CA ALA C 330 -19.21 -8.62 0.60
C ALA C 330 -17.85 -8.34 1.27
N GLN C 331 -16.78 -8.51 0.50
CA GLN C 331 -15.42 -8.20 0.97
C GLN C 331 -14.98 -6.86 0.39
N HIS C 332 -14.47 -6.00 1.26
CA HIS C 332 -14.02 -4.67 0.84
C HIS C 332 -12.56 -4.52 1.16
N ILE C 333 -11.73 -4.53 0.12
CA ILE C 333 -10.30 -4.47 0.25
C ILE C 333 -9.82 -3.03 0.00
N THR C 334 -9.09 -2.47 0.97
CA THR C 334 -8.60 -1.09 0.90
C THR C 334 -7.09 -1.03 0.68
N LEU C 335 -6.69 -0.34 -0.38
CA LEU C 335 -5.28 -0.14 -0.68
C LEU C 335 -5.01 1.35 -0.53
N PRO C 336 -4.44 1.75 0.62
CA PRO C 336 -4.18 3.17 0.91
C PRO C 336 -3.29 3.81 -0.15
N PRO C 337 -3.75 4.90 -0.80
CA PRO C 337 -2.78 5.63 -1.64
C PRO C 337 -1.74 6.33 -0.78
N VAL C 338 -0.61 6.69 -1.40
CA VAL C 338 0.48 7.32 -0.68
C VAL C 338 0.82 8.65 -1.34
N LEU C 339 0.94 9.71 -0.53
CA LEU C 339 1.33 11.01 -1.04
C LEU C 339 2.78 10.99 -1.45
N GLU C 340 3.07 11.46 -2.65
CA GLU C 340 4.44 11.51 -3.12
C GLU C 340 4.88 12.93 -3.43
N PHE C 341 5.83 13.43 -2.65
CA PHE C 341 6.28 14.80 -2.77
C PHE C 341 7.54 14.89 -3.62
N ARG C 342 7.47 15.71 -4.66
CA ARG C 342 8.57 15.83 -5.60
C ARG C 342 8.88 17.30 -5.84
N PRO C 343 9.97 17.61 -6.56
CA PRO C 343 10.38 19.02 -6.71
C PRO C 343 9.39 20.01 -7.36
N SER C 344 8.26 19.53 -7.87
CA SER C 344 7.24 20.46 -8.39
C SER C 344 6.45 21.12 -7.25
N LEU C 345 6.69 20.68 -6.02
CA LEU C 345 6.10 21.33 -4.84
C LEU C 345 7.20 22.09 -4.10
N LYS C 346 6.97 23.38 -3.84
CA LYS C 346 7.99 24.21 -3.18
C LYS C 346 8.43 23.56 -1.87
N ASN C 347 9.75 23.55 -1.65
CA ASN C 347 10.36 23.02 -0.43
C ASN C 347 10.42 21.48 -0.34
N GLU C 348 10.09 20.80 -1.45
CA GLU C 348 10.13 19.32 -1.48
C GLU C 348 11.17 18.79 -2.47
N GLY D 71 -24.86 -9.54 -32.41
CA GLY D 71 -23.55 -10.26 -32.51
C GLY D 71 -22.40 -9.37 -32.07
N PHE D 72 -21.19 -9.92 -32.04
CA PHE D 72 -20.03 -9.12 -31.64
C PHE D 72 -18.86 -9.36 -32.56
N VAL D 73 -17.94 -8.40 -32.54
CA VAL D 73 -16.66 -8.52 -33.21
C VAL D 73 -15.61 -8.55 -32.13
N GLY D 74 -14.62 -9.41 -32.30
CA GLY D 74 -13.51 -9.48 -31.35
C GLY D 74 -12.36 -8.62 -31.82
N LEU D 75 -11.75 -7.91 -30.87
CA LEU D 75 -10.54 -7.11 -31.13
C LEU D 75 -9.46 -7.55 -30.15
N LEU D 76 -8.32 -7.97 -30.67
CA LEU D 76 -7.20 -8.36 -29.80
C LEU D 76 -6.17 -7.26 -29.87
N LEU D 77 -5.72 -6.80 -28.70
CA LEU D 77 -4.76 -5.69 -28.57
C LEU D 77 -3.64 -6.11 -27.62
N PRO D 78 -2.42 -5.66 -27.90
CA PRO D 78 -1.29 -5.98 -27.01
C PRO D 78 -1.10 -4.99 -25.85
N SER D 79 -1.83 -3.88 -25.85
CA SER D 79 -1.68 -2.85 -24.81
C SER D 79 -3.04 -2.23 -24.45
N LEU D 80 -3.22 -1.94 -23.16
CA LEU D 80 -4.36 -1.16 -22.69
C LEU D 80 -3.93 0.23 -22.21
N ASN D 81 -2.74 0.66 -22.64
CA ASN D 81 -2.15 1.96 -22.28
C ASN D 81 -1.60 2.56 -23.55
N ASN D 82 -2.46 2.76 -24.54
CA ASN D 82 -2.01 3.16 -25.87
C ASN D 82 -3.07 3.95 -26.61
N LEU D 83 -2.76 5.23 -26.87
CA LEU D 83 -3.68 6.15 -27.52
C LEU D 83 -4.19 5.62 -28.86
N HIS D 84 -3.30 4.99 -29.64
CA HIS D 84 -3.71 4.46 -30.96
C HIS D 84 -4.79 3.41 -30.82
N PHE D 85 -4.58 2.45 -29.92
CA PHE D 85 -5.54 1.37 -29.80
C PHE D 85 -6.85 1.85 -29.20
N ALA D 86 -6.75 2.81 -28.26
CA ALA D 86 -7.92 3.43 -27.65
C ALA D 86 -8.80 4.10 -28.70
N GLN D 87 -8.18 4.91 -29.54
CA GLN D 87 -8.89 5.60 -30.60
C GLN D 87 -9.40 4.63 -31.66
N THR D 88 -8.64 3.58 -31.97
CA THR D 88 -9.09 2.55 -32.91
C THR D 88 -10.39 1.93 -32.36
N ALA D 89 -10.35 1.53 -31.10
CA ALA D 89 -11.50 0.88 -30.48
C ALA D 89 -12.71 1.79 -30.44
N GLN D 90 -12.51 3.08 -30.21
CA GLN D 90 -13.61 4.03 -30.13
C GLN D 90 -14.29 4.17 -31.49
N SER D 91 -13.49 4.39 -32.53
CA SER D 91 -14.09 4.58 -33.85
C SER D 91 -14.69 3.28 -34.39
N LEU D 92 -14.00 2.16 -34.16
CA LEU D 92 -14.52 0.84 -34.53
C LEU D 92 -15.84 0.55 -33.82
N THR D 93 -15.88 0.84 -32.51
CA THR D 93 -17.12 0.70 -31.72
C THR D 93 -18.24 1.51 -32.36
N ASP D 94 -17.97 2.79 -32.67
CA ASP D 94 -19.01 3.67 -33.23
C ASP D 94 -19.62 3.14 -34.53
N VAL D 95 -18.77 2.64 -35.41
CA VAL D 95 -19.22 2.09 -36.70
C VAL D 95 -19.98 0.78 -36.54
N LEU D 96 -19.45 -0.10 -35.69
CA LEU D 96 -20.06 -1.38 -35.44
C LEU D 96 -21.41 -1.23 -34.74
N GLU D 97 -21.52 -0.30 -33.81
CA GLU D 97 -22.77 -0.08 -33.06
C GLU D 97 -23.89 0.44 -33.98
N GLN D 98 -23.50 1.20 -35.01
CA GLN D 98 -24.43 1.63 -36.04
C GLN D 98 -24.99 0.45 -36.85
N GLY D 99 -24.20 -0.62 -36.98
CA GLY D 99 -24.65 -1.84 -37.63
C GLY D 99 -25.24 -2.88 -36.69
N GLY D 100 -25.45 -2.51 -35.43
CA GLY D 100 -26.03 -3.40 -34.43
C GLY D 100 -25.10 -4.40 -33.78
N LEU D 101 -23.79 -4.20 -33.96
CA LEU D 101 -22.77 -5.09 -33.41
C LEU D 101 -21.99 -4.43 -32.27
N GLN D 102 -21.52 -5.27 -31.35
CA GLN D 102 -20.72 -4.80 -30.24
C GLN D 102 -19.30 -5.27 -30.40
N LEU D 103 -18.41 -4.62 -29.65
CA LEU D 103 -17.01 -4.97 -29.64
C LEU D 103 -16.68 -5.61 -28.30
N LEU D 104 -16.00 -6.75 -28.35
CA LEU D 104 -15.43 -7.33 -27.14
C LEU D 104 -13.94 -7.47 -27.35
N LEU D 105 -13.16 -7.34 -26.28
CA LEU D 105 -11.70 -7.28 -26.41
C LEU D 105 -10.97 -8.39 -25.66
N GLY D 106 -9.82 -8.76 -26.21
CA GLY D 106 -8.86 -9.64 -25.56
C GLY D 106 -7.53 -8.93 -25.48
N TYR D 107 -6.89 -9.03 -24.34
CA TYR D 107 -5.62 -8.34 -24.08
C TYR D 107 -4.47 -9.36 -24.10
N THR D 108 -3.59 -9.23 -25.08
CA THR D 108 -2.52 -10.22 -25.28
C THR D 108 -1.23 -9.91 -24.51
N ALA D 109 -1.06 -8.64 -24.13
CA ALA D 109 0.19 -8.16 -23.50
C ALA D 109 1.43 -8.57 -24.30
N TYR D 110 1.35 -8.41 -25.62
CA TYR D 110 2.46 -8.72 -26.57
C TYR D 110 2.89 -10.21 -26.63
N SER D 111 2.12 -11.08 -25.99
CA SER D 111 2.39 -12.53 -25.98
C SER D 111 1.70 -13.27 -27.12
N PRO D 112 2.48 -13.82 -28.08
CA PRO D 112 1.86 -14.63 -29.13
C PRO D 112 1.14 -15.87 -28.57
N GLU D 113 1.62 -16.39 -27.44
CA GLU D 113 0.96 -17.52 -26.79
C GLU D 113 -0.41 -17.13 -26.24
N ARG D 114 -0.47 -15.99 -25.55
CA ARG D 114 -1.74 -15.52 -25.04
C ARG D 114 -2.67 -15.18 -26.19
N GLU D 115 -2.13 -14.58 -27.25
CA GLU D 115 -2.96 -14.30 -28.43
C GLU D 115 -3.61 -15.60 -28.91
N GLU D 116 -2.82 -16.66 -29.01
CA GLU D 116 -3.37 -17.95 -29.45
C GLU D 116 -4.50 -18.45 -28.55
N GLN D 117 -4.28 -18.39 -27.24
CA GLN D 117 -5.29 -18.84 -26.28
C GLN D 117 -6.57 -18.01 -26.39
N LEU D 118 -6.43 -16.71 -26.64
CA LEU D 118 -7.60 -15.83 -26.75
C LEU D 118 -8.34 -16.03 -28.07
N VAL D 119 -7.58 -16.29 -29.14
CA VAL D 119 -8.18 -16.60 -30.43
C VAL D 119 -9.02 -17.88 -30.29
N GLU D 120 -8.44 -18.89 -29.65
CA GLU D 120 -9.10 -20.18 -29.50
C GLU D 120 -10.45 -20.03 -28.78
N THR D 121 -10.49 -19.32 -27.66
CA THR D 121 -11.75 -19.23 -26.92
C THR D 121 -12.72 -18.25 -27.55
N MET D 122 -12.19 -17.15 -28.09
CA MET D 122 -13.04 -16.16 -28.73
C MET D 122 -13.74 -16.73 -29.96
N LEU D 123 -13.02 -17.50 -30.79
CA LEU D 123 -13.63 -18.09 -31.98
C LEU D 123 -14.81 -19.00 -31.66
N ARG D 124 -14.71 -19.71 -30.54
CA ARG D 124 -15.75 -20.66 -30.13
C ARG D 124 -17.05 -19.95 -29.72
N ARG D 125 -16.96 -18.67 -29.38
CA ARG D 125 -18.15 -17.88 -29.09
C ARG D 125 -18.81 -17.33 -30.36
N ARG D 126 -18.18 -17.60 -31.51
CA ARG D 126 -18.68 -17.20 -32.83
C ARG D 126 -18.86 -15.70 -33.03
N PRO D 127 -17.73 -14.94 -33.02
CA PRO D 127 -17.81 -13.54 -33.38
C PRO D 127 -18.19 -13.43 -34.84
N GLU D 128 -18.70 -12.28 -35.25
CA GLU D 128 -18.99 -12.02 -36.65
C GLU D 128 -17.74 -11.74 -37.47
N ALA D 129 -16.69 -11.25 -36.80
CA ALA D 129 -15.41 -10.98 -37.44
C ALA D 129 -14.36 -10.95 -36.34
N MET D 130 -13.10 -11.11 -36.72
CA MET D 130 -12.02 -10.97 -35.75
C MET D 130 -11.03 -9.92 -36.22
N VAL D 131 -10.67 -9.02 -35.32
CA VAL D 131 -9.70 -7.97 -35.68
C VAL D 131 -8.49 -8.15 -34.78
N LEU D 132 -7.31 -8.27 -35.36
CA LEU D 132 -6.10 -8.51 -34.58
C LEU D 132 -5.10 -7.40 -34.82
N SER D 133 -4.68 -6.72 -33.76
CA SER D 133 -3.54 -5.82 -33.86
C SER D 133 -2.34 -6.68 -34.12
N TYR D 134 -1.63 -6.42 -35.22
CA TYR D 134 -0.60 -7.35 -35.65
C TYR D 134 0.77 -7.10 -35.02
N ASP D 135 1.30 -8.13 -34.36
CA ASP D 135 2.70 -8.16 -33.94
C ASP D 135 3.27 -9.58 -34.06
N GLY D 136 2.79 -10.33 -35.06
CA GLY D 136 3.23 -11.70 -35.28
C GLY D 136 2.31 -12.72 -34.62
N HIS D 137 2.23 -13.91 -35.19
CA HIS D 137 1.36 -14.96 -34.66
C HIS D 137 2.13 -16.25 -34.53
N THR D 138 1.63 -17.14 -33.67
CA THR D 138 2.09 -18.53 -33.71
C THR D 138 1.48 -19.23 -34.93
N GLU D 139 2.07 -20.37 -35.30
CA GLU D 139 1.53 -21.16 -36.40
C GLU D 139 0.09 -21.63 -36.12
N GLN D 140 -0.20 -22.04 -34.90
CA GLN D 140 -1.56 -22.44 -34.52
C GLN D 140 -2.58 -21.31 -34.66
N THR D 141 -2.21 -20.10 -34.23
CA THR D 141 -3.10 -18.95 -34.42
C THR D 141 -3.44 -18.76 -35.89
N ILE D 142 -2.43 -18.85 -36.74
CA ILE D 142 -2.62 -18.73 -38.18
C ILE D 142 -3.61 -19.80 -38.68
N ARG D 143 -3.39 -21.05 -38.27
CA ARG D 143 -4.29 -22.14 -38.66
C ARG D 143 -5.72 -21.89 -38.18
N LEU D 144 -5.88 -21.53 -36.91
CA LEU D 144 -7.18 -21.24 -36.34
C LEU D 144 -7.92 -20.16 -37.11
N LEU D 145 -7.22 -19.08 -37.44
CA LEU D 145 -7.82 -17.97 -38.17
C LEU D 145 -8.14 -18.33 -39.63
N GLN D 146 -7.29 -19.14 -40.26
CA GLN D 146 -7.50 -19.56 -41.65
C GLN D 146 -8.76 -20.40 -41.80
N ARG D 147 -9.05 -21.21 -40.78
CA ARG D 147 -10.16 -22.16 -40.84
C ARG D 147 -11.50 -21.54 -40.43
N ALA D 148 -11.48 -20.29 -39.99
CA ALA D 148 -12.61 -19.69 -39.29
C ALA D 148 -13.87 -19.37 -40.12
N SER D 149 -13.69 -19.13 -41.42
CA SER D 149 -14.80 -18.74 -42.32
C SER D 149 -15.58 -17.48 -41.87
N ILE D 150 -14.89 -16.58 -41.18
CA ILE D 150 -15.40 -15.25 -40.88
C ILE D 150 -14.33 -14.25 -41.32
N PRO D 151 -14.73 -12.98 -41.55
CA PRO D 151 -13.71 -11.99 -41.90
C PRO D 151 -12.65 -11.90 -40.83
N ILE D 152 -11.39 -12.00 -41.26
CA ILE D 152 -10.23 -11.72 -40.40
C ILE D 152 -9.59 -10.42 -40.89
N VAL D 153 -9.38 -9.48 -39.97
CA VAL D 153 -8.71 -8.22 -40.30
C VAL D 153 -7.50 -8.04 -39.40
N GLU D 154 -6.32 -7.92 -40.02
CA GLU D 154 -5.10 -7.62 -39.27
C GLU D 154 -4.84 -6.12 -39.43
N ILE D 155 -4.65 -5.44 -38.31
CA ILE D 155 -4.52 -3.99 -38.33
C ILE D 155 -3.19 -3.48 -37.76
N TRP D 156 -2.88 -2.23 -38.09
CA TRP D 156 -1.71 -1.49 -37.57
C TRP D 156 -0.33 -1.88 -38.17
N GLU D 157 -0.33 -2.89 -39.03
CA GLU D 157 0.88 -3.29 -39.74
C GLU D 157 0.44 -4.04 -40.96
N LYS D 158 1.22 -4.01 -42.03
CA LYS D 158 0.92 -4.83 -43.18
C LYS D 158 1.81 -6.08 -43.12
N PRO D 159 1.24 -7.23 -42.71
CA PRO D 159 2.05 -8.45 -42.61
C PRO D 159 2.53 -8.94 -43.96
N ALA D 160 3.65 -9.66 -43.96
CA ALA D 160 4.19 -10.28 -45.19
C ALA D 160 3.20 -11.30 -45.78
N HIS D 161 2.51 -12.04 -44.90
CA HIS D 161 1.53 -13.05 -45.30
C HIS D 161 0.21 -12.86 -44.55
N PRO D 162 -0.61 -11.89 -45.00
CA PRO D 162 -1.87 -11.58 -44.32
C PRO D 162 -2.84 -12.76 -44.40
N ILE D 163 -3.53 -13.04 -43.30
CA ILE D 163 -4.49 -14.15 -43.23
C ILE D 163 -5.74 -13.84 -44.06
N GLY D 164 -6.26 -12.62 -43.89
CA GLY D 164 -7.41 -12.13 -44.63
C GLY D 164 -7.20 -10.68 -45.05
N HIS D 165 -8.03 -9.80 -44.52
CA HIS D 165 -7.96 -8.38 -44.88
C HIS D 165 -6.96 -7.65 -43.99
N THR D 166 -6.53 -6.49 -44.45
CA THR D 166 -5.66 -5.64 -43.61
C THR D 166 -6.09 -4.18 -43.66
N VAL D 167 -5.91 -3.49 -42.54
CA VAL D 167 -6.10 -2.04 -42.47
C VAL D 167 -4.94 -1.47 -41.65
N GLY D 168 -4.05 -0.73 -42.29
CA GLY D 168 -2.88 -0.26 -41.56
C GLY D 168 -1.90 0.36 -42.51
N PHE D 169 -0.62 0.09 -42.28
CA PHE D 169 0.46 0.61 -43.12
C PHE D 169 1.70 -0.21 -42.83
N SER D 170 2.67 -0.12 -43.73
CA SER D 170 3.93 -0.82 -43.56
C SER D 170 4.80 -0.06 -42.56
N ASN D 171 5.09 -0.71 -41.44
CA ASN D 171 5.95 -0.12 -40.44
C ASN D 171 7.39 -0.01 -40.90
N GLU D 172 7.82 -0.99 -41.68
CA GLU D 172 9.15 -0.93 -42.30
C GLU D 172 9.27 0.29 -43.23
N ARG D 173 8.27 0.47 -44.10
CA ARG D 173 8.28 1.61 -45.02
C ARG D 173 8.18 2.93 -44.27
N ALA D 174 7.39 2.99 -43.21
CA ALA D 174 7.33 4.25 -42.46
C ALA D 174 8.67 4.66 -41.83
N ALA D 175 9.37 3.69 -41.24
CA ALA D 175 10.67 3.98 -40.64
C ALA D 175 11.73 4.30 -41.69
N TYR D 176 11.65 3.59 -42.81
CA TYR D 176 12.54 3.85 -43.98
C TYR D 176 12.29 5.27 -44.47
N ASP D 177 11.03 5.66 -44.63
CA ASP D 177 10.72 7.03 -45.11
C ASP D 177 11.17 8.11 -44.13
N MET D 178 10.95 7.91 -42.81
CA MET D 178 11.41 8.90 -41.84
C MET D 178 12.93 8.98 -41.88
N THR D 179 13.60 7.83 -41.93
CA THR D 179 15.09 7.83 -41.96
C THR D 179 15.60 8.54 -43.21
N ASN D 180 14.94 8.31 -44.33
CA ASN D 180 15.31 9.02 -45.57
C ASN D 180 15.09 10.53 -45.46
N ALA D 181 14.04 10.91 -44.75
CA ALA D 181 13.74 12.31 -44.52
C ALA D 181 14.82 12.94 -43.67
N LEU D 182 15.34 12.18 -42.70
CA LEU D 182 16.44 12.68 -41.87
C LEU D 182 17.74 12.82 -42.66
N LEU D 183 18.01 11.83 -43.49
CA LEU D 183 19.21 11.88 -44.35
C LEU D 183 19.17 13.08 -45.29
N ALA D 184 17.99 13.32 -45.89
CA ALA D 184 17.77 14.47 -46.78
C ALA D 184 18.04 15.80 -46.09
N ARG D 185 17.83 15.82 -44.78
CA ARG D 185 18.06 17.01 -43.95
C ARG D 185 19.49 17.15 -43.43
N GLY D 186 20.35 16.20 -43.78
CA GLY D 186 21.79 16.30 -43.52
C GLY D 186 22.30 15.58 -42.28
N PHE D 187 21.40 14.88 -41.58
CA PHE D 187 21.85 14.04 -40.47
C PHE D 187 22.57 12.82 -41.03
N ARG D 188 23.65 12.44 -40.36
CA ARG D 188 24.40 11.29 -40.82
C ARG D 188 24.54 10.27 -39.70
N LYS D 189 24.86 10.76 -38.50
CA LYS D 189 25.14 9.87 -37.37
C LYS D 189 23.83 9.54 -36.66
N ILE D 190 22.94 8.88 -37.37
CA ILE D 190 21.62 8.54 -36.81
C ILE D 190 21.67 7.18 -36.11
N VAL D 191 21.15 7.12 -34.88
CA VAL D 191 21.11 5.89 -34.11
C VAL D 191 19.66 5.50 -33.87
N PHE D 192 19.30 4.25 -34.14
CA PHE D 192 17.95 3.71 -33.86
C PHE D 192 17.89 3.10 -32.45
N LEU D 193 16.87 3.49 -31.69
CA LEU D 193 16.65 2.96 -30.36
C LEU D 193 15.44 2.06 -30.38
N GLY D 194 15.70 0.78 -30.13
CA GLY D 194 14.65 -0.23 -30.23
C GLY D 194 14.69 -1.23 -29.10
N GLU D 195 13.92 -2.30 -29.29
CA GLU D 195 13.67 -3.32 -28.26
C GLU D 195 14.50 -4.58 -28.47
N LYS D 196 14.84 -5.25 -27.37
CA LYS D 196 15.28 -6.64 -27.44
C LYS D 196 14.06 -7.54 -27.51
N ASP D 197 14.25 -8.78 -27.98
CA ASP D 197 13.21 -9.81 -27.90
C ASP D 197 11.92 -9.37 -28.59
N ASP D 198 12.09 -8.89 -29.81
CA ASP D 198 11.02 -8.25 -30.56
C ASP D 198 10.81 -8.88 -31.93
N ASP D 199 11.26 -10.13 -32.12
CA ASP D 199 11.09 -10.81 -33.41
C ASP D 199 9.63 -10.78 -33.83
N TRP D 200 9.39 -10.49 -35.10
CA TRP D 200 8.05 -10.52 -35.72
C TRP D 200 7.13 -9.36 -35.34
N THR D 201 7.61 -8.46 -34.48
CA THR D 201 6.80 -7.34 -34.01
C THR D 201 6.98 -6.09 -34.87
N ARG D 202 6.10 -5.11 -34.66
CA ARG D 202 6.18 -3.86 -35.43
C ARG D 202 7.49 -3.11 -35.19
N GLY D 203 8.02 -3.17 -33.96
CA GLY D 203 9.31 -2.54 -33.66
C GLY D 203 10.43 -3.16 -34.49
N ALA D 204 10.41 -4.48 -34.67
CA ALA D 204 11.40 -5.17 -35.52
C ALA D 204 11.38 -4.61 -36.96
N ALA D 205 10.18 -4.41 -37.47
CA ALA D 205 10.00 -3.87 -38.82
C ALA D 205 10.52 -2.42 -38.93
N ARG D 206 10.29 -1.63 -37.87
CA ARG D 206 10.77 -0.26 -37.88
C ARG D 206 12.29 -0.28 -37.92
N ARG D 207 12.90 -1.18 -37.13
CA ARG D 207 14.37 -1.29 -37.19
C ARG D 207 14.86 -1.60 -38.59
N ALA D 208 14.20 -2.55 -39.24
CA ALA D 208 14.55 -2.99 -40.59
C ALA D 208 14.46 -1.85 -41.58
N GLY D 209 13.43 -1.01 -41.43
CA GLY D 209 13.26 0.14 -42.35
C GLY D 209 14.36 1.19 -42.15
N PHE D 210 14.69 1.45 -40.89
CA PHE D 210 15.83 2.30 -40.58
C PHE D 210 17.10 1.73 -41.25
N LYS D 211 17.35 0.43 -41.06
CA LYS D 211 18.58 -0.18 -41.59
C LYS D 211 18.61 -0.13 -43.11
N ARG D 212 17.46 -0.37 -43.74
CA ARG D 212 17.40 -0.31 -45.21
C ARG D 212 17.75 1.09 -45.73
N ALA D 213 17.25 2.11 -45.07
CA ALA D 213 17.53 3.48 -45.46
C ALA D 213 19.04 3.74 -45.33
N MET D 214 19.62 3.29 -44.23
CA MET D 214 21.05 3.53 -44.00
C MET D 214 21.87 2.76 -45.03
N ARG D 215 21.52 1.50 -45.27
CA ARG D 215 22.21 0.61 -46.22
C ARG D 215 22.19 1.23 -47.63
N GLU D 216 21.00 1.62 -48.08
CA GLU D 216 20.85 2.21 -49.41
C GLU D 216 21.63 3.52 -49.60
N ALA D 217 21.86 4.22 -48.49
CA ALA D 217 22.59 5.48 -48.47
C ALA D 217 24.12 5.29 -48.42
N GLY D 218 24.56 4.05 -48.34
CA GLY D 218 25.99 3.75 -48.19
C GLY D 218 26.51 4.10 -46.81
N LEU D 219 25.63 4.10 -45.82
CA LEU D 219 26.02 4.37 -44.44
C LEU D 219 26.01 3.10 -43.60
N ASN D 220 26.47 3.19 -42.36
CA ASN D 220 26.52 2.06 -41.45
C ASN D 220 25.14 1.77 -40.84
N PRO D 221 24.48 0.66 -41.24
CA PRO D 221 23.18 0.35 -40.64
C PRO D 221 23.26 -0.19 -39.22
N ASP D 222 24.45 -0.60 -38.80
CA ASP D 222 24.69 -1.14 -37.46
C ASP D 222 24.93 0.01 -36.46
N GLN D 223 23.97 0.92 -36.40
CA GLN D 223 24.01 2.07 -35.51
C GLN D 223 22.69 2.06 -34.74
N GLU D 224 22.67 1.31 -33.65
CA GLU D 224 21.42 1.05 -32.93
C GLU D 224 21.72 0.61 -31.51
N ILE D 225 20.73 0.77 -30.65
CA ILE D 225 20.78 0.28 -29.28
C ILE D 225 19.48 -0.47 -29.04
N ARG D 226 19.59 -1.62 -28.37
CA ARG D 226 18.42 -2.42 -28.01
C ARG D 226 18.42 -2.61 -26.52
N LEU D 227 17.25 -2.43 -25.91
CA LEU D 227 17.07 -2.75 -24.50
C LEU D 227 15.61 -3.08 -24.25
N GLY D 228 15.27 -3.45 -23.02
CA GLY D 228 13.88 -3.71 -22.66
C GLY D 228 13.22 -4.75 -23.54
N ALA D 229 11.91 -4.57 -23.75
CA ALA D 229 11.12 -5.50 -24.52
C ALA D 229 9.92 -4.73 -25.08
N PRO D 230 9.24 -5.31 -26.06
CA PRO D 230 8.03 -4.65 -26.55
C PRO D 230 7.00 -4.49 -25.41
N PRO D 231 6.45 -3.27 -25.24
CA PRO D 231 6.79 -2.04 -25.92
C PRO D 231 7.79 -1.25 -25.08
N LEU D 232 8.78 -0.66 -25.74
CA LEU D 232 9.77 0.16 -25.07
C LEU D 232 9.12 1.32 -24.31
N SER D 233 9.53 1.53 -23.06
CA SER D 233 8.89 2.51 -22.18
C SER D 233 9.63 3.85 -22.07
N ILE D 234 9.01 4.82 -21.41
CA ILE D 234 9.66 6.09 -21.12
C ILE D 234 10.92 5.83 -20.30
N GLU D 235 10.76 5.02 -19.26
CA GLU D 235 11.89 4.63 -18.41
C GLU D 235 13.04 4.00 -19.22
N ASP D 236 12.74 3.16 -20.22
CA ASP D 236 13.78 2.61 -21.12
C ASP D 236 14.50 3.71 -21.89
N GLY D 237 13.77 4.75 -22.29
CA GLY D 237 14.37 5.90 -22.96
C GLY D 237 15.40 6.59 -22.08
N VAL D 238 15.06 6.74 -20.80
CA VAL D 238 16.00 7.31 -19.81
C VAL D 238 17.28 6.48 -19.75
N ALA D 239 17.13 5.17 -19.58
CA ALA D 239 18.25 4.25 -19.50
C ALA D 239 19.09 4.27 -20.78
N ALA D 240 18.45 4.55 -21.91
CA ALA D 240 19.15 4.47 -23.19
C ALA D 240 20.13 5.59 -23.42
N ALA D 241 19.88 6.74 -22.80
CA ALA D 241 20.70 7.95 -23.01
C ALA D 241 22.20 7.67 -22.87
N GLU D 242 22.58 7.18 -21.68
CA GLU D 242 23.98 6.80 -21.38
C GLU D 242 24.48 5.76 -22.36
N LEU D 243 23.65 4.74 -22.62
CA LEU D 243 24.04 3.64 -23.47
C LEU D 243 24.37 4.13 -24.88
N ILE D 244 23.51 4.97 -25.42
CA ILE D 244 23.70 5.47 -26.78
C ILE D 244 24.95 6.33 -26.85
N LEU D 245 25.11 7.24 -25.89
CA LEU D 245 26.22 8.20 -25.95
C LEU D 245 27.57 7.54 -25.64
N GLN D 246 27.54 6.40 -24.93
CA GLN D 246 28.75 5.64 -24.67
C GLN D 246 29.21 4.90 -25.94
N GLU D 247 28.29 4.21 -26.60
CA GLU D 247 28.65 3.46 -27.80
C GLU D 247 28.82 4.35 -29.03
N TYR D 248 27.99 5.39 -29.12
CA TYR D 248 27.98 6.28 -30.29
C TYR D 248 28.13 7.75 -29.86
N PRO D 249 29.33 8.14 -29.37
CA PRO D 249 29.51 9.46 -28.77
C PRO D 249 29.24 10.64 -29.70
N ASP D 250 29.34 10.40 -31.00
CA ASP D 250 29.19 11.44 -32.03
C ASP D 250 27.79 11.50 -32.66
N THR D 251 26.83 10.81 -32.07
CA THR D 251 25.47 10.77 -32.63
C THR D 251 24.89 12.17 -32.85
N ASP D 252 24.21 12.42 -33.97
CA ASP D 252 23.54 13.71 -34.16
C ASP D 252 22.02 13.61 -34.14
N CYS D 253 21.51 12.38 -34.13
CA CYS D 253 20.07 12.15 -34.17
C CYS D 253 19.78 10.77 -33.67
N ILE D 254 18.79 10.67 -32.78
CA ILE D 254 18.32 9.36 -32.32
C ILE D 254 16.86 9.17 -32.75
N PHE D 255 16.62 8.11 -33.51
CA PHE D 255 15.29 7.77 -34.00
C PHE D 255 14.80 6.60 -33.12
N CYS D 256 13.76 6.86 -32.35
CA CYS D 256 13.25 5.90 -31.37
C CYS D 256 12.06 5.12 -31.89
N VAL D 257 11.93 3.88 -31.44
CA VAL D 257 10.85 3.00 -31.92
C VAL D 257 9.44 3.55 -31.64
N SER D 258 9.29 4.32 -30.57
CA SER D 258 8.08 5.15 -30.42
C SER D 258 8.37 6.42 -29.62
N ASP D 259 7.34 7.24 -29.43
CA ASP D 259 7.47 8.52 -28.73
C ASP D 259 7.77 8.33 -27.25
N MET D 260 7.41 7.17 -26.73
CA MET D 260 7.52 6.93 -25.29
C MET D 260 9.00 6.90 -24.88
N PRO D 261 9.83 5.99 -25.45
CA PRO D 261 11.27 6.12 -25.14
C PRO D 261 11.86 7.45 -25.63
N ALA D 262 11.33 8.04 -26.69
CA ALA D 262 11.86 9.37 -27.11
C ALA D 262 11.69 10.42 -26.02
N PHE D 263 10.55 10.39 -25.33
CA PHE D 263 10.30 11.34 -24.26
C PHE D 263 11.24 11.09 -23.07
N GLY D 264 11.42 9.83 -22.72
CA GLY D 264 12.34 9.48 -21.64
C GLY D 264 13.76 9.89 -21.99
N LEU D 265 14.15 9.59 -23.22
CA LEU D 265 15.46 9.99 -23.72
C LEU D 265 15.66 11.50 -23.60
N LEU D 266 14.68 12.27 -24.07
CA LEU D 266 14.72 13.72 -23.98
C LEU D 266 14.85 14.18 -22.53
N SER D 267 14.04 13.61 -21.64
CA SER D 267 14.11 13.94 -20.20
C SER D 267 15.52 13.75 -19.65
N ARG D 268 16.14 12.61 -19.99
CA ARG D 268 17.48 12.31 -19.48
C ARG D 268 18.55 13.20 -20.10
N LEU D 269 18.43 13.49 -21.40
CA LEU D 269 19.39 14.36 -22.06
C LEU D 269 19.36 15.75 -21.44
N LYS D 270 18.15 16.22 -21.13
CA LYS D 270 17.98 17.54 -20.49
C LYS D 270 18.59 17.55 -19.09
N SER D 271 18.41 16.44 -18.36
CA SER D 271 18.95 16.29 -17.01
C SER D 271 20.47 16.41 -17.00
N ILE D 272 21.12 15.73 -17.94
CA ILE D 272 22.59 15.62 -17.99
C ILE D 272 23.27 16.75 -18.78
N GLY D 273 22.50 17.55 -19.51
CA GLY D 273 23.05 18.71 -20.20
C GLY D 273 23.36 18.58 -21.67
N VAL D 274 22.88 17.51 -22.30
CA VAL D 274 22.99 17.36 -23.76
C VAL D 274 21.88 18.18 -24.41
N ALA D 275 22.26 19.19 -25.19
CA ALA D 275 21.28 20.09 -25.79
C ALA D 275 20.54 19.42 -26.94
N VAL D 276 19.21 19.47 -26.87
CA VAL D 276 18.36 18.98 -27.94
C VAL D 276 17.64 20.18 -28.56
N PRO D 277 17.76 20.37 -29.88
CA PRO D 277 18.45 19.55 -30.88
C PRO D 277 19.87 19.96 -31.20
N GLU D 278 20.40 20.95 -30.49
CA GLU D 278 21.72 21.49 -30.87
C GLU D 278 22.81 20.43 -30.97
N GLN D 279 22.91 19.55 -29.97
CA GLN D 279 23.86 18.43 -30.00
C GLN D 279 23.26 17.13 -30.55
N VAL D 280 22.08 16.76 -30.06
CA VAL D 280 21.44 15.51 -30.47
C VAL D 280 19.99 15.81 -30.76
N SER D 281 19.52 15.45 -31.97
CA SER D 281 18.10 15.58 -32.29
C SER D 281 17.40 14.32 -31.85
N VAL D 282 16.10 14.43 -31.61
CA VAL D 282 15.31 13.30 -31.13
C VAL D 282 14.08 13.13 -32.01
N VAL D 283 13.84 11.92 -32.49
CA VAL D 283 12.66 11.64 -33.32
C VAL D 283 11.99 10.41 -32.76
N GLY D 284 10.67 10.42 -32.72
CA GLY D 284 9.91 9.27 -32.26
C GLY D 284 9.04 8.66 -33.32
N PHE D 285 7.98 7.98 -32.88
CA PHE D 285 7.01 7.38 -33.81
C PHE D 285 5.65 7.32 -33.10
N GLY D 286 4.60 7.72 -33.81
CA GLY D 286 3.22 7.54 -33.35
C GLY D 286 2.44 8.79 -32.99
N ASN D 287 3.12 9.92 -32.80
CA ASN D 287 2.42 11.14 -32.39
C ASN D 287 1.53 10.89 -31.15
N PHE D 288 2.14 10.29 -30.14
CA PHE D 288 1.44 10.18 -28.87
C PHE D 288 1.36 11.55 -28.20
N GLU D 289 0.50 11.68 -27.18
CA GLU D 289 0.21 13.00 -26.63
C GLU D 289 1.46 13.70 -26.10
N VAL D 290 2.32 12.95 -25.42
CA VAL D 290 3.57 13.56 -24.86
C VAL D 290 4.45 14.21 -25.92
N SER D 291 4.44 13.70 -27.15
CA SER D 291 5.28 14.30 -28.22
C SER D 291 4.93 15.76 -28.46
N ARG D 292 3.66 16.08 -28.28
CA ARG D 292 3.09 17.38 -28.62
C ARG D 292 3.30 18.42 -27.51
N PHE D 293 3.64 17.96 -26.30
CA PHE D 293 3.72 18.85 -25.13
C PHE D 293 5.06 18.81 -24.39
N ALA D 294 5.96 17.93 -24.84
CA ALA D 294 7.35 17.95 -24.39
C ALA D 294 7.99 19.24 -24.84
N SER D 295 9.12 19.58 -24.23
CA SER D 295 9.88 20.75 -24.64
C SER D 295 11.33 20.35 -24.89
N PRO D 296 11.79 20.42 -26.15
CA PRO D 296 11.02 20.83 -27.34
C PRO D 296 10.03 19.74 -27.74
N GLU D 297 9.06 20.10 -28.57
CA GLU D 297 8.10 19.12 -29.04
C GLU D 297 8.84 18.08 -29.88
N ILE D 298 8.38 16.83 -29.80
CA ILE D 298 9.14 15.74 -30.38
C ILE D 298 8.71 15.41 -31.81
N SER D 299 9.65 15.49 -32.75
CA SER D 299 9.40 15.07 -34.13
C SER D 299 8.97 13.62 -34.13
N THR D 300 8.06 13.28 -35.02
CA THR D 300 7.44 11.95 -34.93
C THR D 300 6.80 11.52 -36.25
N VAL D 301 6.19 10.34 -36.24
CA VAL D 301 5.49 9.80 -37.40
C VAL D 301 4.01 9.74 -37.00
N ARG D 302 3.20 10.58 -37.64
CA ARG D 302 1.81 10.73 -37.27
C ARG D 302 0.97 9.65 -37.95
N VAL D 303 0.13 8.99 -37.17
CA VAL D 303 -0.74 7.93 -37.70
C VAL D 303 -2.21 8.36 -37.55
N ASP D 304 -3.12 7.58 -38.10
CA ASP D 304 -4.54 7.94 -38.10
C ASP D 304 -5.39 6.84 -37.46
N PRO D 305 -5.39 6.78 -36.11
CA PRO D 305 -6.13 5.67 -35.46
C PRO D 305 -7.63 5.73 -35.71
N ILE D 306 -8.20 6.94 -35.78
CA ILE D 306 -9.63 7.07 -36.07
C ILE D 306 -10.00 6.43 -37.41
N ALA D 307 -9.20 6.71 -38.45
CA ALA D 307 -9.41 6.15 -39.78
C ALA D 307 -9.20 4.64 -39.77
N ILE D 308 -8.19 4.17 -39.05
CA ILE D 308 -7.96 2.72 -39.02
C ILE D 308 -9.18 2.02 -38.41
N GLY D 309 -9.72 2.60 -37.32
CA GLY D 309 -10.91 2.05 -36.67
C GLY D 309 -12.15 2.09 -37.55
N ARG D 310 -12.37 3.24 -38.18
CA ARG D 310 -13.50 3.44 -39.08
C ARG D 310 -13.46 2.54 -40.31
N GLU D 311 -12.32 2.50 -40.99
CA GLU D 311 -12.17 1.67 -42.17
C GLU D 311 -12.33 0.18 -41.84
N THR D 312 -11.80 -0.22 -40.68
CA THR D 312 -11.98 -1.60 -40.24
C THR D 312 -13.47 -1.91 -40.02
N GLY D 313 -14.17 -1.03 -39.31
CA GLY D 313 -15.57 -1.26 -39.00
C GLY D 313 -16.43 -1.26 -40.25
N SER D 314 -16.14 -0.34 -41.15
CA SER D 314 -16.92 -0.23 -42.39
C SER D 314 -16.68 -1.42 -43.30
N LEU D 315 -15.43 -1.88 -43.37
CA LEU D 315 -15.10 -3.08 -44.12
C LEU D 315 -15.92 -4.28 -43.62
N ILE D 316 -15.90 -4.48 -42.30
CA ILE D 316 -16.63 -5.59 -41.70
C ILE D 316 -18.10 -5.57 -42.09
N LEU D 317 -18.75 -4.42 -41.92
CA LEU D 317 -20.18 -4.30 -42.25
C LEU D 317 -20.47 -4.53 -43.72
N ARG D 318 -19.57 -4.08 -44.61
CA ARG D 318 -19.71 -4.38 -46.04
C ARG D 318 -19.62 -5.88 -46.31
N LEU D 319 -18.66 -6.53 -45.66
CA LEU D 319 -18.45 -7.97 -45.84
C LEU D 319 -19.62 -8.82 -45.33
N LEU D 320 -20.34 -8.31 -44.35
CA LEU D 320 -21.42 -9.06 -43.71
C LEU D 320 -22.79 -8.74 -44.31
N ASP D 321 -22.81 -7.89 -45.33
CA ASP D 321 -24.09 -7.50 -45.94
C ASP D 321 -24.65 -8.59 -46.87
N ALA D 330 -9.70 -10.62 -50.49
CA ALA D 330 -9.08 -9.84 -49.40
C ALA D 330 -8.83 -8.36 -49.73
N GLN D 331 -9.30 -7.49 -48.84
CA GLN D 331 -9.15 -6.04 -48.95
C GLN D 331 -7.98 -5.54 -48.13
N HIS D 332 -7.10 -4.78 -48.77
CA HIS D 332 -5.91 -4.26 -48.13
C HIS D 332 -5.91 -2.75 -48.24
N ILE D 333 -6.24 -2.12 -47.13
CA ILE D 333 -6.42 -0.68 -47.05
C ILE D 333 -5.22 -0.09 -46.30
N THR D 334 -4.57 0.88 -46.93
CA THR D 334 -3.43 1.56 -46.35
C THR D 334 -3.79 3.00 -46.00
N LEU D 335 -3.49 3.40 -44.77
CA LEU D 335 -3.54 4.79 -44.33
C LEU D 335 -2.10 5.21 -44.07
N PRO D 336 -1.45 5.83 -45.06
CA PRO D 336 -0.01 6.09 -44.92
C PRO D 336 0.25 7.14 -43.85
N PRO D 337 1.27 6.93 -43.00
CA PRO D 337 1.56 7.93 -41.98
C PRO D 337 2.09 9.23 -42.55
N VAL D 338 2.16 10.25 -41.71
CA VAL D 338 2.61 11.58 -42.09
C VAL D 338 3.82 11.91 -41.22
N LEU D 339 4.90 12.33 -41.86
CA LEU D 339 6.09 12.73 -41.14
C LEU D 339 5.87 14.10 -40.50
N GLU D 340 6.08 14.20 -39.19
CA GLU D 340 5.88 15.47 -38.47
C GLU D 340 7.18 16.02 -37.90
N PHE D 341 7.62 17.14 -38.44
CA PHE D 341 8.93 17.71 -38.07
C PHE D 341 8.71 18.84 -37.10
N ARG D 342 9.32 18.70 -35.93
CA ARG D 342 9.13 19.62 -34.82
C ARG D 342 10.48 20.04 -34.25
N PRO D 343 10.49 21.00 -33.32
CA PRO D 343 11.76 21.58 -32.83
C PRO D 343 12.76 20.63 -32.14
N SER D 344 12.39 19.37 -31.85
CA SER D 344 13.35 18.39 -31.38
C SER D 344 14.32 17.94 -32.49
N LEU D 345 14.03 18.31 -33.73
CA LEU D 345 14.96 18.08 -34.85
C LEU D 345 15.64 19.40 -35.25
N LYS D 346 16.96 19.37 -35.36
CA LYS D 346 17.70 20.59 -35.69
C LYS D 346 17.19 21.20 -37.00
N ASN D 347 17.03 22.52 -37.00
CA ASN D 347 16.53 23.30 -38.15
C ASN D 347 15.03 23.19 -38.42
N GLU D 348 14.29 22.56 -37.50
CA GLU D 348 12.84 22.39 -37.69
C GLU D 348 12.02 23.16 -36.65
#